data_7A41
#
_entry.id   7A41
#
_cell.length_a   64.21
_cell.length_b   106.57
_cell.length_c   73.68
_cell.angle_alpha   90
_cell.angle_beta   111.84
_cell.angle_gamma   90
#
_symmetry.space_group_name_H-M   'P 1 21 1'
#
loop_
_entity.id
_entity.type
_entity.pdbx_description
1 polymer 'Mucosa-associated lymphoid tissue lymphoma translocation protein 1'
2 non-polymer ~{N}-[(1~{S})-1-[4-[[2-chloranyl-7-[(1~{S})-1-methoxyethyl]pyrazolo[1,5-a]pyrimidin-6-yl]amino]phenyl]-2,2,2-tris(fluoranyl)ethyl]-~{N}-methyl-1,1-bis(oxidanylidene)thiane-4-carboxamide
3 non-polymer 'DIMETHYL SULFOXIDE'
4 water water
#
_entity_poly.entity_id   1
_entity_poly.type   'polypeptide(L)'
_entity_poly.pdbx_seq_one_letter_code
;GPGSDNKEQTTDQPLAKDKVALLIGNMNYREHPKLKAPLVDVYELTNLLRQLDFKVVSLLDLTEYEMRNAVDEFLLLLDK
GVYGLLYYAGHGYENFGNSFMVPVDAPNPYRSENCLCVQNILKLMQEKETGLNVFLLDMCRKRNDYDDTIPILDALKVTA
NIVFGYATCQGAEAFEIQHSGLANGIFMKFLKDRLLEDKKITVLLDEVAEDMGKCHLTKGKQALEIRSSLSEKRALTDPI
QGTEYSAESLVRNLQWAKAHELPESMCLKFDCGVQIQLGFAAEFSNVMIIYTSIVYKPPEIIMCDAYVTDFPLDLDIDPK
DANKGTPEETGSYLVSKDLPKHCLYTRLSSLQKLKEHLVFTVCLSYQYSGLEDTVEDKQEVNVGKPLIAKLDMHRGLGRK
TCFQ
;
_entity_poly.pdbx_strand_id   A,B
#
loop_
_chem_comp.id
_chem_comp.type
_chem_comp.name
_chem_comp.formula
DMS non-polymer 'DIMETHYL SULFOXIDE' 'C2 H6 O S'
QYQ non-polymer ~{N}-[(1~{S})-1-[4-[[2-chloranyl-7-[(1~{S})-1-methoxyethyl]pyrazolo[1,5-a]pyrimidin-6-yl]amino]phenyl]-2,2,2-tris(fluoranyl)ethyl]-~{N}-methyl-1,1-bis(oxidanylidene)thiane-4-carboxamide 'C24 H27 Cl F3 N5 O4 S'
#
# COMPACT_ATOMS: atom_id res chain seq x y z
N GLN A 13 -11.20 -18.50 -15.62
CA GLN A 13 -10.16 -18.94 -14.68
C GLN A 13 -8.84 -18.23 -15.00
N PRO A 14 -8.29 -17.47 -14.02
CA PRO A 14 -7.01 -16.80 -14.26
C PRO A 14 -5.87 -17.80 -14.39
N LEU A 15 -4.98 -17.59 -15.36
CA LEU A 15 -3.86 -18.49 -15.60
C LEU A 15 -2.55 -17.74 -15.62
N ALA A 16 -1.48 -18.45 -15.30
CA ALA A 16 -0.14 -17.87 -15.33
C ALA A 16 0.56 -18.36 -16.59
N LYS A 17 1.33 -17.51 -17.27
CA LYS A 17 2.13 -17.95 -18.42
C LYS A 17 3.29 -18.81 -17.89
N ASP A 18 3.88 -18.39 -16.76
CA ASP A 18 4.95 -19.09 -16.06
C ASP A 18 4.96 -18.63 -14.58
N LYS A 19 5.73 -19.32 -13.72
CA LYS A 19 5.82 -18.96 -12.32
C LYS A 19 7.28 -18.97 -11.93
N VAL A 20 7.85 -17.78 -11.69
CA VAL A 20 9.26 -17.66 -11.34
C VAL A 20 9.43 -16.95 -9.96
N ALA A 21 10.38 -17.43 -9.16
CA ALA A 21 10.61 -16.87 -7.85
C ALA A 21 12.09 -16.73 -7.55
N LEU A 22 12.50 -15.56 -7.05
CA LEU A 22 13.87 -15.29 -6.59
C LEU A 22 13.78 -15.01 -5.09
N LEU A 23 14.50 -15.82 -4.28
CA LEU A 23 14.48 -15.75 -2.82
C LEU A 23 15.90 -15.52 -2.33
N ILE A 24 16.13 -14.41 -1.61
CA ILE A 24 17.46 -14.07 -1.08
C ILE A 24 17.39 -13.94 0.45
N GLY A 25 18.28 -14.63 1.13
CA GLY A 25 18.37 -14.57 2.58
C GLY A 25 19.78 -14.14 2.96
N ASN A 26 19.92 -12.98 3.63
CA ASN A 26 21.24 -12.51 4.04
C ASN A 26 21.38 -12.69 5.57
N MET A 27 22.48 -13.35 5.99
CA MET A 27 22.69 -13.62 7.41
C MET A 27 24.09 -13.30 7.93
N ASN A 28 25.13 -13.60 7.15
N ASN A 28 25.12 -13.60 7.11
CA ASN A 28 26.50 -13.44 7.63
CA ASN A 28 26.55 -13.43 7.40
C ASN A 28 27.14 -12.15 7.14
C ASN A 28 27.03 -12.06 6.97
N TYR A 29 26.74 -11.04 7.77
CA TYR A 29 27.18 -9.68 7.45
C TYR A 29 28.61 -9.42 7.91
N ARG A 30 29.41 -8.75 7.07
CA ARG A 30 30.79 -8.47 7.44
C ARG A 30 30.87 -7.42 8.56
N GLU A 31 30.01 -6.39 8.53
CA GLU A 31 30.08 -5.31 9.53
C GLU A 31 28.77 -5.02 10.25
N HIS A 32 27.86 -5.98 10.27
CA HIS A 32 26.55 -5.79 10.88
C HIS A 32 26.14 -7.06 11.62
N PRO A 33 25.22 -6.96 12.59
CA PRO A 33 24.85 -8.16 13.37
C PRO A 33 24.37 -9.30 12.49
N LYS A 34 24.68 -10.53 12.88
CA LYS A 34 24.31 -11.68 12.11
C LYS A 34 22.85 -12.08 12.35
N LEU A 35 22.17 -12.54 11.28
CA LEU A 35 20.79 -12.99 11.37
C LEU A 35 20.70 -14.51 11.21
N LYS A 36 19.70 -15.14 11.81
CA LYS A 36 19.57 -16.60 11.73
C LYS A 36 18.32 -17.01 10.96
N ALA A 37 17.23 -16.24 11.12
CA ALA A 37 15.95 -16.57 10.50
C ALA A 37 15.98 -16.71 8.98
N PRO A 38 16.68 -15.86 8.19
CA PRO A 38 16.63 -16.02 6.72
C PRO A 38 16.95 -17.44 6.20
N LEU A 39 17.88 -18.20 6.84
CA LEU A 39 18.23 -19.54 6.40
C LEU A 39 16.99 -20.48 6.37
N VAL A 40 16.30 -20.58 7.51
CA VAL A 40 15.11 -21.39 7.70
C VAL A 40 13.95 -20.87 6.84
N ASP A 41 13.75 -19.55 6.81
CA ASP A 41 12.65 -18.96 6.06
C ASP A 41 12.75 -19.09 4.56
N VAL A 42 13.93 -18.85 3.96
CA VAL A 42 14.15 -18.99 2.52
C VAL A 42 13.95 -20.47 2.08
N TYR A 43 14.37 -21.42 2.94
CA TYR A 43 14.27 -22.85 2.68
C TYR A 43 12.81 -23.28 2.76
N GLU A 44 12.08 -22.79 3.77
CA GLU A 44 10.65 -23.07 3.94
C GLU A 44 9.88 -22.54 2.71
N LEU A 45 10.13 -21.28 2.36
CA LEU A 45 9.45 -20.60 1.25
C LEU A 45 9.77 -21.23 -0.07
N THR A 46 10.99 -21.73 -0.27
CA THR A 46 11.37 -22.41 -1.51
C THR A 46 10.49 -23.66 -1.73
N ASN A 47 10.29 -24.47 -0.69
CA ASN A 47 9.51 -25.69 -0.82
C ASN A 47 7.99 -25.42 -0.91
N LEU A 48 7.50 -24.32 -0.30
CA LEU A 48 6.11 -23.95 -0.45
C LEU A 48 5.86 -23.51 -1.89
N LEU A 49 6.79 -22.75 -2.49
CA LEU A 49 6.64 -22.26 -3.86
C LEU A 49 6.76 -23.38 -4.88
N ARG A 50 7.61 -24.40 -4.61
CA ARG A 50 7.75 -25.55 -5.50
C ARG A 50 6.43 -26.31 -5.56
N GLN A 51 5.70 -26.42 -4.43
CA GLN A 51 4.38 -27.03 -4.36
C GLN A 51 3.36 -26.29 -5.25
N LEU A 52 3.52 -24.97 -5.43
CA LEU A 52 2.65 -24.17 -6.31
C LEU A 52 3.17 -24.08 -7.75
N ASP A 53 4.10 -24.96 -8.13
CA ASP A 53 4.72 -25.05 -9.45
C ASP A 53 5.57 -23.84 -9.86
N PHE A 54 6.23 -23.19 -8.89
CA PHE A 54 7.12 -22.09 -9.21
C PHE A 54 8.47 -22.67 -9.52
N LYS A 55 9.18 -22.07 -10.46
CA LYS A 55 10.58 -22.36 -10.69
C LYS A 55 11.23 -21.37 -9.71
N VAL A 56 12.04 -21.86 -8.78
CA VAL A 56 12.64 -21.03 -7.73
C VAL A 56 14.16 -21.02 -7.76
N VAL A 57 14.75 -19.84 -7.52
CA VAL A 57 16.19 -19.70 -7.32
C VAL A 57 16.30 -19.14 -5.90
N SER A 58 17.00 -19.87 -5.00
CA SER A 58 17.16 -19.47 -3.59
CA SER A 58 17.17 -19.48 -3.59
C SER A 58 18.63 -19.26 -3.27
N LEU A 59 18.99 -18.07 -2.86
CA LEU A 59 20.36 -17.69 -2.61
C LEU A 59 20.62 -17.14 -1.23
N LEU A 60 21.70 -17.57 -0.60
CA LEU A 60 22.10 -17.07 0.70
C LEU A 60 23.30 -16.13 0.60
N ASP A 61 23.39 -15.17 1.53
CA ASP A 61 24.56 -14.32 1.72
C ASP A 61 25.16 -13.72 0.45
N LEU A 62 24.42 -12.77 -0.16
CA LEU A 62 24.89 -12.13 -1.38
C LEU A 62 25.45 -10.74 -1.16
N THR A 63 26.54 -10.43 -1.85
CA THR A 63 27.13 -9.11 -1.85
C THR A 63 26.24 -8.16 -2.71
N GLU A 64 26.57 -6.86 -2.74
CA GLU A 64 25.83 -5.87 -3.51
C GLU A 64 25.82 -6.24 -5.00
N TYR A 65 27.00 -6.54 -5.55
CA TYR A 65 27.17 -6.90 -6.95
C TYR A 65 26.37 -8.18 -7.28
N GLU A 66 26.39 -9.18 -6.36
CA GLU A 66 25.66 -10.43 -6.55
C GLU A 66 24.13 -10.20 -6.54
N MET A 67 23.61 -9.40 -5.56
CA MET A 67 22.20 -9.06 -5.45
C MET A 67 21.71 -8.27 -6.66
N ARG A 68 22.51 -7.31 -7.12
CA ARG A 68 22.11 -6.50 -8.30
C ARG A 68 22.03 -7.37 -9.54
N ASN A 69 22.98 -8.31 -9.70
CA ASN A 69 22.94 -9.23 -10.83
C ASN A 69 21.75 -10.15 -10.74
N ALA A 70 21.50 -10.76 -9.55
CA ALA A 70 20.36 -11.67 -9.33
C ALA A 70 19.03 -11.00 -9.60
N VAL A 71 18.82 -9.77 -9.09
CA VAL A 71 17.57 -9.01 -9.28
C VAL A 71 17.38 -8.62 -10.75
N ASP A 72 18.44 -8.12 -11.43
CA ASP A 72 18.32 -7.76 -12.85
C ASP A 72 17.97 -8.98 -13.74
N GLU A 73 18.57 -10.15 -13.45
CA GLU A 73 18.29 -11.36 -14.23
C GLU A 73 16.89 -11.89 -13.96
N PHE A 74 16.41 -11.77 -12.71
CA PHE A 74 15.06 -12.18 -12.34
C PHE A 74 14.05 -11.30 -13.10
N LEU A 75 14.29 -9.99 -13.17
CA LEU A 75 13.40 -9.05 -13.86
C LEU A 75 13.30 -9.34 -15.38
N LEU A 76 14.36 -9.86 -16.00
CA LEU A 76 14.34 -10.24 -17.41
C LEU A 76 13.41 -11.44 -17.70
N LEU A 77 13.05 -12.22 -16.67
CA LEU A 77 12.14 -13.35 -16.81
C LEU A 77 10.66 -12.92 -16.84
N LEU A 78 10.36 -11.68 -16.48
CA LEU A 78 9.00 -11.23 -16.33
C LEU A 78 8.32 -10.82 -17.66
N ASP A 79 8.16 -11.82 -18.55
CA ASP A 79 7.48 -11.65 -19.82
C ASP A 79 5.98 -11.47 -19.57
N LYS A 80 5.23 -10.99 -20.57
CA LYS A 80 3.79 -10.77 -20.44
C LYS A 80 3.04 -12.00 -19.94
N GLY A 81 2.28 -11.85 -18.87
CA GLY A 81 1.50 -12.94 -18.28
C GLY A 81 2.22 -13.78 -17.24
N VAL A 82 3.53 -13.61 -17.08
CA VAL A 82 4.30 -14.40 -16.10
C VAL A 82 3.98 -13.97 -14.67
N TYR A 83 3.99 -14.93 -13.73
CA TYR A 83 3.79 -14.65 -12.31
C TYR A 83 5.17 -14.65 -11.68
N GLY A 84 5.55 -13.53 -11.07
CA GLY A 84 6.83 -13.40 -10.40
C GLY A 84 6.73 -13.24 -8.91
N LEU A 85 7.74 -13.69 -8.17
CA LEU A 85 7.77 -13.51 -6.72
C LEU A 85 9.20 -13.23 -6.31
N LEU A 86 9.42 -12.08 -5.69
CA LEU A 86 10.77 -11.72 -5.22
C LEU A 86 10.68 -11.63 -3.69
N TYR A 87 11.44 -12.46 -2.96
CA TYR A 87 11.44 -12.43 -1.52
C TYR A 87 12.84 -12.06 -1.02
N TYR A 88 12.94 -11.07 -0.11
CA TYR A 88 14.24 -10.75 0.49
C TYR A 88 14.09 -10.79 2.02
N ALA A 89 15.01 -11.50 2.72
CA ALA A 89 15.09 -11.55 4.19
C ALA A 89 16.53 -11.12 4.58
N GLY A 90 16.65 -10.23 5.53
CA GLY A 90 17.95 -9.75 6.01
C GLY A 90 17.83 -8.35 6.59
N HIS A 91 18.98 -7.64 6.70
CA HIS A 91 18.94 -6.26 7.18
C HIS A 91 18.33 -5.39 6.11
N GLY A 92 17.58 -4.42 6.58
CA GLY A 92 16.92 -3.41 5.78
C GLY A 92 17.26 -2.03 6.31
N TYR A 93 17.33 -1.06 5.41
CA TYR A 93 17.70 0.32 5.70
C TYR A 93 16.57 1.25 5.26
N GLU A 94 16.19 2.24 6.08
CA GLU A 94 15.18 3.22 5.71
C GLU A 94 15.81 4.61 5.78
N ASN A 95 15.73 5.38 4.68
CA ASN A 95 16.37 6.69 4.61
C ASN A 95 15.63 7.63 3.66
N PHE A 96 15.22 8.83 4.15
CA PHE A 96 14.52 9.85 3.36
C PHE A 96 13.35 9.32 2.50
N GLY A 97 12.46 8.54 3.11
CA GLY A 97 11.29 8.00 2.42
C GLY A 97 11.50 6.77 1.56
N ASN A 98 12.74 6.26 1.47
CA ASN A 98 13.03 5.07 0.68
C ASN A 98 13.50 3.92 1.59
N SER A 99 13.27 2.69 1.15
CA SER A 99 13.77 1.52 1.86
C SER A 99 14.80 0.81 0.98
N PHE A 100 15.75 0.13 1.63
CA PHE A 100 16.88 -0.48 0.95
C PHE A 100 17.17 -1.82 1.52
N MET A 101 17.52 -2.77 0.66
CA MET A 101 17.90 -4.11 1.07
C MET A 101 19.41 -4.06 1.27
N VAL A 102 19.87 -4.54 2.43
CA VAL A 102 21.31 -4.46 2.77
C VAL A 102 22.10 -5.72 2.42
N PRO A 103 23.07 -5.63 1.51
CA PRO A 103 23.89 -6.80 1.17
C PRO A 103 24.92 -7.15 2.26
N VAL A 104 25.51 -8.35 2.21
CA VAL A 104 26.41 -8.79 3.26
C VAL A 104 27.72 -8.01 3.32
N ASP A 105 28.15 -7.42 2.21
CA ASP A 105 29.36 -6.59 2.17
C ASP A 105 29.08 -5.12 2.51
N ALA A 106 27.89 -4.77 3.07
CA ALA A 106 27.61 -3.36 3.39
C ALA A 106 28.59 -2.77 4.39
N PRO A 107 28.97 -1.50 4.19
CA PRO A 107 29.83 -0.82 5.15
C PRO A 107 29.03 -0.41 6.39
N ASN A 108 29.74 0.08 7.40
CA ASN A 108 29.12 0.52 8.64
C ASN A 108 29.53 1.96 8.87
N PRO A 109 28.60 2.94 8.91
CA PRO A 109 27.14 2.78 8.80
C PRO A 109 26.64 2.54 7.38
N TYR A 110 25.36 2.19 7.22
CA TYR A 110 24.79 1.91 5.89
C TYR A 110 24.86 3.15 5.03
N ARG A 111 25.12 2.96 3.74
CA ARG A 111 25.04 4.04 2.78
C ARG A 111 24.16 3.52 1.65
N SER A 112 23.33 4.38 1.08
CA SER A 112 22.38 4.08 0.00
C SER A 112 23.00 3.39 -1.19
N GLU A 113 24.11 3.96 -1.71
CA GLU A 113 24.82 3.47 -2.89
C GLU A 113 25.27 2.03 -2.76
N ASN A 114 25.51 1.55 -1.53
CA ASN A 114 25.92 0.17 -1.28
C ASN A 114 24.74 -0.83 -1.19
N CYS A 115 23.49 -0.33 -1.16
CA CYS A 115 22.29 -1.13 -0.95
C CYS A 115 21.37 -1.10 -2.18
N LEU A 116 20.40 -2.00 -2.20
CA LEU A 116 19.45 -2.06 -3.32
C LEU A 116 18.19 -1.27 -2.97
N CYS A 117 17.88 -0.22 -3.75
CA CYS A 117 16.70 0.58 -3.50
C CYS A 117 15.42 -0.15 -3.89
N VAL A 118 14.54 -0.35 -2.92
CA VAL A 118 13.29 -1.04 -3.08
C VAL A 118 12.34 -0.37 -4.06
N GLN A 119 12.29 0.96 -4.01
CA GLN A 119 11.44 1.75 -4.90
C GLN A 119 11.95 1.71 -6.33
N ASN A 120 13.27 1.54 -6.56
CA ASN A 120 13.80 1.41 -7.91
C ASN A 120 13.32 0.09 -8.53
N ILE A 121 13.29 -0.99 -7.72
CA ILE A 121 12.85 -2.31 -8.18
C ILE A 121 11.37 -2.30 -8.46
N LEU A 122 10.59 -1.66 -7.59
CA LEU A 122 9.15 -1.49 -7.78
C LEU A 122 8.87 -0.73 -9.11
N LYS A 123 9.68 0.29 -9.41
CA LYS A 123 9.57 1.08 -10.64
C LYS A 123 9.90 0.23 -11.86
N LEU A 124 10.89 -0.67 -11.74
CA LEU A 124 11.24 -1.56 -12.84
C LEU A 124 10.13 -2.60 -13.05
N MET A 125 9.52 -3.10 -11.96
CA MET A 125 8.43 -4.05 -12.00
C MET A 125 7.16 -3.46 -12.63
N GLN A 126 6.85 -2.19 -12.34
CA GLN A 126 5.66 -1.52 -12.90
C GLN A 126 5.71 -1.45 -14.46
N GLU A 127 6.91 -1.47 -15.05
CA GLU A 127 7.11 -1.49 -16.49
C GLU A 127 6.78 -2.86 -17.14
N LYS A 128 6.57 -3.93 -16.33
CA LYS A 128 6.32 -5.26 -16.90
C LYS A 128 4.83 -5.55 -17.11
N GLU A 129 4.53 -6.50 -18.02
CA GLU A 129 3.14 -6.88 -18.27
C GLU A 129 2.81 -8.22 -17.64
N THR A 130 3.36 -8.44 -16.44
CA THR A 130 3.18 -9.66 -15.67
C THR A 130 1.73 -9.81 -15.27
N GLY A 131 1.28 -11.05 -15.13
CA GLY A 131 -0.07 -11.33 -14.65
C GLY A 131 -0.17 -11.15 -13.16
N LEU A 132 0.96 -11.31 -12.42
CA LEU A 132 1.06 -11.12 -10.99
C LEU A 132 2.53 -10.94 -10.60
N ASN A 133 2.83 -9.94 -9.76
CA ASN A 133 4.20 -9.73 -9.30
C ASN A 133 4.16 -9.45 -7.83
N VAL A 134 4.64 -10.41 -7.05
CA VAL A 134 4.65 -10.34 -5.59
C VAL A 134 6.06 -9.99 -5.12
N PHE A 135 6.20 -8.95 -4.29
CA PHE A 135 7.50 -8.52 -3.79
C PHE A 135 7.35 -8.48 -2.29
N LEU A 136 7.98 -9.43 -1.57
CA LEU A 136 7.96 -9.55 -0.12
C LEU A 136 9.29 -9.21 0.48
N LEU A 137 9.27 -8.27 1.43
CA LEU A 137 10.43 -7.80 2.16
C LEU A 137 10.26 -8.18 3.62
N ASP A 138 11.16 -9.00 4.13
CA ASP A 138 11.11 -9.47 5.50
C ASP A 138 12.38 -8.94 6.14
N MET A 139 12.35 -7.66 6.53
CA MET A 139 13.55 -6.97 6.96
C MET A 139 13.73 -6.71 8.44
N CYS A 140 14.98 -6.61 8.83
CA CYS A 140 15.40 -6.26 10.18
C CYS A 140 15.85 -4.82 10.11
N ARG A 141 15.24 -3.94 10.92
CA ARG A 141 15.62 -2.54 10.93
C ARG A 141 16.44 -2.20 12.17
N THR A 159 -1.35 -3.68 -17.18
CA THR A 159 -0.97 -3.53 -15.76
C THR A 159 0.02 -4.59 -15.31
N ALA A 160 0.90 -4.20 -14.38
CA ALA A 160 1.92 -5.07 -13.83
C ALA A 160 1.36 -6.08 -12.82
N ASN A 161 0.26 -5.69 -12.10
CA ASN A 161 -0.40 -6.45 -11.03
C ASN A 161 0.57 -6.70 -9.85
N ILE A 162 1.07 -5.60 -9.28
CA ILE A 162 2.05 -5.68 -8.19
C ILE A 162 1.42 -5.71 -6.85
N VAL A 163 1.81 -6.72 -6.06
CA VAL A 163 1.43 -6.88 -4.66
C VAL A 163 2.75 -6.82 -3.88
N PHE A 164 2.85 -5.85 -2.99
CA PHE A 164 4.06 -5.63 -2.21
C PHE A 164 3.77 -5.81 -0.72
N GLY A 165 4.54 -6.65 -0.06
CA GLY A 165 4.43 -6.92 1.35
C GLY A 165 5.73 -6.47 2.00
N TYR A 166 5.62 -5.70 3.07
CA TYR A 166 6.78 -5.14 3.75
C TYR A 166 6.63 -5.40 5.25
N ALA A 167 7.31 -6.44 5.70
CA ALA A 167 7.34 -6.87 7.07
C ALA A 167 8.60 -6.28 7.71
N THR A 168 8.48 -5.79 8.96
CA THR A 168 9.62 -5.19 9.66
C THR A 168 9.63 -5.58 11.12
N CYS A 169 10.77 -6.03 11.61
CA CYS A 169 10.94 -6.36 13.02
C CYS A 169 12.24 -5.77 13.55
N GLN A 170 12.28 -5.45 14.85
CA GLN A 170 13.47 -4.89 15.49
C GLN A 170 14.54 -5.97 15.72
N GLY A 171 15.78 -5.54 15.89
CA GLY A 171 16.88 -6.46 16.14
C GLY A 171 16.90 -6.95 17.58
N GLY A 181 17.03 -20.46 17.62
CA GLY A 181 18.07 -21.11 16.83
C GLY A 181 17.61 -21.45 15.42
N LEU A 182 16.82 -22.53 15.28
CA LEU A 182 16.32 -22.92 13.96
C LEU A 182 14.84 -22.49 13.73
N ALA A 183 14.33 -21.59 14.57
CA ALA A 183 12.95 -21.13 14.46
C ALA A 183 12.81 -20.21 13.28
N ASN A 184 11.61 -20.19 12.70
CA ASN A 184 11.29 -19.26 11.63
C ASN A 184 11.24 -17.86 12.22
N GLY A 185 11.38 -16.86 11.38
CA GLY A 185 11.12 -15.49 11.75
C GLY A 185 9.61 -15.32 11.89
N ILE A 186 9.18 -14.21 12.49
CA ILE A 186 7.76 -13.94 12.68
C ILE A 186 6.94 -14.00 11.39
N PHE A 187 7.32 -13.22 10.38
CA PHE A 187 6.60 -13.15 9.12
C PHE A 187 6.39 -14.52 8.45
N MET A 188 7.44 -15.34 8.40
CA MET A 188 7.35 -16.64 7.76
C MET A 188 6.52 -17.62 8.56
N LYS A 189 6.54 -17.52 9.89
CA LYS A 189 5.73 -18.36 10.78
C LYS A 189 4.24 -18.23 10.43
N PHE A 190 3.77 -17.00 10.20
CA PHE A 190 2.38 -16.77 9.79
C PHE A 190 2.12 -17.00 8.29
N LEU A 191 3.04 -16.57 7.42
CA LEU A 191 2.91 -16.72 5.97
C LEU A 191 2.86 -18.19 5.53
N LYS A 192 3.71 -19.06 6.11
CA LYS A 192 3.77 -20.48 5.71
C LYS A 192 2.48 -21.25 5.95
N ASP A 193 1.71 -20.83 6.94
CA ASP A 193 0.46 -21.50 7.27
C ASP A 193 -0.74 -21.02 6.45
N ARG A 194 -0.52 -20.10 5.48
CA ARG A 194 -1.57 -19.55 4.62
C ARG A 194 -1.22 -19.54 3.15
N LEU A 195 0.09 -19.57 2.81
CA LEU A 195 0.59 -19.47 1.43
C LEU A 195 0.02 -20.48 0.41
N LEU A 196 -0.35 -21.70 0.84
CA LEU A 196 -0.92 -22.68 -0.09
C LEU A 196 -2.45 -22.54 -0.29
N GLU A 197 -3.10 -21.57 0.37
CA GLU A 197 -4.53 -21.32 0.19
C GLU A 197 -4.87 -20.89 -1.23
N ASP A 198 -5.97 -21.42 -1.77
CA ASP A 198 -6.45 -21.06 -3.09
C ASP A 198 -7.34 -19.82 -2.92
N LYS A 199 -6.71 -18.66 -2.72
CA LYS A 199 -7.37 -17.37 -2.50
C LYS A 199 -6.57 -16.31 -3.18
N LYS A 200 -7.22 -15.19 -3.52
CA LYS A 200 -6.56 -14.01 -4.10
C LYS A 200 -5.42 -13.56 -3.16
N ILE A 201 -4.20 -13.39 -3.71
CA ILE A 201 -2.98 -13.06 -2.94
C ILE A 201 -3.17 -11.90 -1.96
N THR A 202 -3.91 -10.85 -2.35
CA THR A 202 -4.19 -9.72 -1.47
C THR A 202 -5.03 -10.12 -0.27
N VAL A 203 -6.01 -11.01 -0.44
CA VAL A 203 -6.90 -11.48 0.64
C VAL A 203 -6.11 -12.33 1.63
N LEU A 204 -5.26 -13.21 1.10
CA LEU A 204 -4.38 -14.11 1.83
C LEU A 204 -3.35 -13.30 2.63
N LEU A 205 -2.77 -12.24 2.06
CA LEU A 205 -1.81 -11.40 2.80
C LEU A 205 -2.52 -10.58 3.89
N ASP A 206 -3.77 -10.18 3.61
CA ASP A 206 -4.62 -9.50 4.58
C ASP A 206 -4.87 -10.42 5.78
N GLU A 207 -5.13 -11.74 5.54
CA GLU A 207 -5.32 -12.71 6.63
C GLU A 207 -4.03 -12.82 7.44
N VAL A 208 -2.87 -12.90 6.78
CA VAL A 208 -1.58 -12.94 7.47
C VAL A 208 -1.40 -11.73 8.42
N ALA A 209 -1.72 -10.50 7.92
CA ALA A 209 -1.62 -9.29 8.76
C ALA A 209 -2.54 -9.35 9.98
N GLU A 210 -3.73 -9.93 9.81
CA GLU A 210 -4.70 -10.07 10.89
C GLU A 210 -4.27 -11.13 11.90
N ASP A 211 -3.64 -12.22 11.43
CA ASP A 211 -3.09 -13.28 12.30
C ASP A 211 -2.03 -12.66 13.20
N MET A 212 -1.17 -11.80 12.64
CA MET A 212 -0.14 -11.13 13.41
C MET A 212 -0.72 -10.19 14.45
N GLY A 213 -1.75 -9.42 14.10
CA GLY A 213 -2.39 -8.52 15.06
C GLY A 213 -3.13 -9.22 16.19
N LYS A 214 -3.44 -10.51 16.01
CA LYS A 214 -4.12 -11.33 17.02
C LYS A 214 -3.12 -12.07 17.94
N CYS A 215 -1.80 -11.92 17.71
CA CYS A 215 -0.74 -12.57 18.47
C CYS A 215 -0.01 -11.55 19.35
N HIS A 216 0.22 -11.86 20.63
CA HIS A 216 0.89 -10.95 21.55
C HIS A 216 2.39 -10.79 21.27
N LEU A 217 3.03 -11.81 20.68
CA LEU A 217 4.45 -11.77 20.33
C LEU A 217 4.73 -10.65 19.30
N THR A 218 3.80 -10.45 18.36
CA THR A 218 3.92 -9.50 17.25
C THR A 218 3.62 -8.05 17.60
N LYS A 219 2.56 -7.79 18.40
CA LYS A 219 2.06 -6.45 18.75
C LYS A 219 3.15 -5.34 18.88
N GLY A 220 4.21 -5.61 19.63
CA GLY A 220 5.29 -4.62 19.81
C GLY A 220 6.63 -5.04 19.26
N LYS A 221 6.65 -5.99 18.31
CA LYS A 221 7.90 -6.48 17.73
C LYS A 221 7.89 -6.53 16.20
N GLN A 222 6.77 -6.96 15.60
CA GLN A 222 6.65 -7.12 14.14
C GLN A 222 5.47 -6.36 13.53
N ALA A 223 5.69 -5.71 12.37
CA ALA A 223 4.69 -4.96 11.61
C ALA A 223 4.61 -5.45 10.15
N LEU A 224 3.45 -5.24 9.49
CA LEU A 224 3.23 -5.63 8.11
C LEU A 224 2.47 -4.57 7.33
N GLU A 225 3.02 -4.16 6.20
CA GLU A 225 2.39 -3.18 5.34
C GLU A 225 2.22 -3.80 3.95
N ILE A 226 1.00 -3.74 3.42
CA ILE A 226 0.74 -4.28 2.09
C ILE A 226 0.34 -3.19 1.15
N ARG A 227 0.95 -3.15 -0.02
CA ARG A 227 0.58 -2.22 -1.06
C ARG A 227 0.18 -3.03 -2.27
N SER A 228 -0.90 -2.65 -2.92
CA SER A 228 -1.37 -3.37 -4.08
C SER A 228 -2.07 -2.52 -5.11
N SER A 229 -1.72 -2.78 -6.35
CA SER A 229 -2.43 -2.22 -7.50
C SER A 229 -3.02 -3.42 -8.29
N LEU A 230 -3.44 -4.49 -7.61
CA LEU A 230 -4.00 -5.68 -8.24
C LEU A 230 -5.46 -5.43 -8.53
N SER A 231 -5.83 -5.41 -9.82
CA SER A 231 -7.20 -5.17 -10.22
C SER A 231 -7.93 -6.41 -10.73
N GLU A 232 -7.36 -7.61 -10.56
CA GLU A 232 -7.95 -8.87 -11.02
C GLU A 232 -7.84 -9.94 -9.95
N LYS A 233 -8.61 -11.02 -10.09
CA LYS A 233 -8.52 -12.13 -9.17
C LYS A 233 -7.26 -12.90 -9.62
N ARG A 234 -6.23 -12.92 -8.79
CA ARG A 234 -4.96 -13.60 -9.07
C ARG A 234 -4.52 -14.25 -7.80
N ALA A 235 -4.06 -15.48 -7.91
CA ALA A 235 -3.63 -16.27 -6.78
C ALA A 235 -2.35 -17.02 -7.11
N LEU A 236 -1.50 -17.32 -6.09
CA LEU A 236 -0.27 -18.11 -6.35
C LEU A 236 -0.61 -19.52 -6.85
N THR A 237 -1.82 -20.02 -6.54
CA THR A 237 -2.35 -21.33 -6.91
C THR A 237 -2.86 -21.42 -8.35
N ASP A 238 -2.92 -20.30 -9.08
CA ASP A 238 -3.44 -20.30 -10.46
C ASP A 238 -2.64 -21.22 -11.35
N PRO A 239 -3.31 -22.06 -12.16
CA PRO A 239 -2.58 -23.01 -13.01
C PRO A 239 -1.75 -22.34 -14.09
N ILE A 240 -0.67 -23.02 -14.53
CA ILE A 240 0.14 -22.51 -15.63
C ILE A 240 -0.54 -22.94 -16.94
N GLN A 241 -0.72 -21.97 -17.86
CA GLN A 241 -1.31 -22.08 -19.20
C GLN A 241 -0.64 -23.21 -20.00
N GLY A 242 -1.41 -23.87 -20.87
CA GLY A 242 -0.99 -24.97 -21.75
C GLY A 242 0.38 -24.76 -22.37
N THR A 243 1.39 -25.41 -21.76
CA THR A 243 2.81 -25.25 -22.03
C THR A 243 3.22 -25.51 -23.49
N GLU A 244 3.41 -24.40 -24.23
CA GLU A 244 3.90 -24.40 -25.60
C GLU A 244 5.46 -24.40 -25.53
N TYR A 245 6.13 -24.56 -26.69
CA TYR A 245 7.60 -24.59 -26.70
C TYR A 245 8.19 -23.39 -27.43
N SER A 246 7.67 -22.19 -27.15
CA SER A 246 8.17 -20.94 -27.72
C SER A 246 9.59 -20.63 -27.22
N ALA A 247 10.37 -19.86 -27.97
CA ALA A 247 11.72 -19.46 -27.56
C ALA A 247 11.71 -18.74 -26.20
N GLU A 248 10.72 -17.87 -26.00
CA GLU A 248 10.54 -17.08 -24.79
C GLU A 248 10.44 -17.97 -23.53
N SER A 249 9.62 -19.01 -23.59
CA SER A 249 9.47 -19.94 -22.47
C SER A 249 10.69 -20.83 -22.29
N LEU A 250 11.36 -21.18 -23.40
CA LEU A 250 12.56 -21.99 -23.35
C LEU A 250 13.73 -21.25 -22.74
N VAL A 251 13.81 -19.92 -22.91
CA VAL A 251 14.87 -19.11 -22.30
C VAL A 251 14.71 -19.19 -20.74
N ARG A 252 13.47 -19.04 -20.26
CA ARG A 252 13.17 -19.10 -18.83
C ARG A 252 13.48 -20.46 -18.23
N ASN A 253 13.05 -21.55 -18.90
CA ASN A 253 13.34 -22.89 -18.41
C ASN A 253 14.82 -23.20 -18.46
N LEU A 254 15.54 -22.79 -19.53
CA LEU A 254 16.97 -23.07 -19.63
C LEU A 254 17.77 -22.51 -18.45
N GLN A 255 17.61 -21.21 -18.15
CA GLN A 255 18.34 -20.56 -17.07
C GLN A 255 18.11 -21.22 -15.72
N TRP A 256 16.86 -21.52 -15.42
CA TRP A 256 16.50 -22.19 -14.20
C TRP A 256 17.09 -23.60 -14.13
N ALA A 257 17.03 -24.36 -15.24
CA ALA A 257 17.57 -25.72 -15.34
C ALA A 257 19.06 -25.73 -15.08
N LYS A 258 19.81 -24.77 -15.64
CA LYS A 258 21.24 -24.68 -15.36
C LYS A 258 21.54 -24.52 -13.84
N ALA A 259 20.84 -23.53 -13.21
CA ALA A 259 20.97 -23.23 -11.76
C ALA A 259 20.64 -24.40 -10.85
N HIS A 260 20.01 -25.46 -11.39
CA HIS A 260 19.66 -26.63 -10.61
C HIS A 260 20.54 -27.85 -10.91
N GLU A 261 21.57 -27.72 -11.75
CA GLU A 261 22.40 -28.87 -12.11
C GLU A 261 23.38 -29.26 -11.04
N LEU A 262 23.17 -30.48 -10.50
CA LEU A 262 24.04 -31.09 -9.51
C LEU A 262 24.98 -32.07 -10.21
N PRO A 263 26.24 -32.20 -9.75
CA PRO A 263 27.09 -33.26 -10.31
C PRO A 263 26.53 -34.64 -9.94
N GLU A 264 26.70 -35.63 -10.83
CA GLU A 264 26.21 -36.99 -10.57
C GLU A 264 27.09 -37.66 -9.51
N SER A 265 26.54 -38.63 -8.76
CA SER A 265 27.33 -39.38 -7.78
C SER A 265 28.50 -40.12 -8.47
N MET A 266 29.65 -40.21 -7.81
CA MET A 266 30.83 -40.82 -8.43
C MET A 266 31.45 -41.91 -7.58
N CYS A 267 32.01 -42.96 -8.22
CA CYS A 267 32.73 -43.99 -7.50
C CYS A 267 34.18 -43.84 -7.90
N LEU A 268 35.03 -43.41 -6.97
CA LEU A 268 36.44 -43.22 -7.24
C LEU A 268 37.18 -44.52 -6.94
N LYS A 269 37.93 -45.02 -7.91
CA LYS A 269 38.67 -46.26 -7.76
C LYS A 269 40.15 -45.94 -7.55
N PHE A 270 40.70 -46.38 -6.42
CA PHE A 270 42.11 -46.15 -6.14
C PHE A 270 42.99 -47.34 -6.58
N ASP A 271 44.30 -47.11 -6.75
CA ASP A 271 45.25 -48.14 -7.19
C ASP A 271 45.31 -49.32 -6.22
N CYS A 272 45.12 -49.04 -4.91
CA CYS A 272 45.17 -50.04 -3.84
C CYS A 272 43.87 -50.85 -3.65
N GLY A 273 42.89 -50.67 -4.52
CA GLY A 273 41.63 -51.41 -4.41
C GLY A 273 40.49 -50.68 -3.73
N VAL A 274 40.81 -49.72 -2.82
CA VAL A 274 39.80 -48.93 -2.10
C VAL A 274 38.88 -48.14 -3.05
N GLN A 275 37.58 -48.17 -2.76
CA GLN A 275 36.56 -47.47 -3.53
C GLN A 275 35.83 -46.44 -2.67
N ILE A 276 35.76 -45.18 -3.14
CA ILE A 276 35.08 -44.11 -2.42
C ILE A 276 33.88 -43.60 -3.19
N GLN A 277 32.71 -43.56 -2.56
CA GLN A 277 31.52 -43.00 -3.19
C GLN A 277 31.48 -41.48 -2.85
N LEU A 278 31.21 -40.66 -3.86
CA LEU A 278 31.17 -39.21 -3.72
C LEU A 278 29.79 -38.70 -4.07
N GLY A 279 29.15 -38.01 -3.13
CA GLY A 279 27.79 -37.54 -3.32
C GLY A 279 27.60 -36.04 -3.27
N PHE A 280 26.53 -35.55 -3.91
CA PHE A 280 26.25 -34.11 -4.03
C PHE A 280 24.77 -33.82 -3.78
N ALA A 281 24.48 -32.91 -2.85
CA ALA A 281 23.13 -32.51 -2.51
C ALA A 281 23.02 -30.98 -2.59
N ALA A 282 21.90 -30.43 -3.02
CA ALA A 282 21.71 -28.98 -3.08
C ALA A 282 20.91 -28.53 -1.87
N GLU A 283 21.41 -27.54 -1.12
CA GLU A 283 20.64 -27.01 0.00
C GLU A 283 19.93 -25.70 -0.43
N PHE A 284 20.63 -24.88 -1.21
CA PHE A 284 20.19 -23.64 -1.83
C PHE A 284 20.76 -23.62 -3.25
N SER A 285 20.41 -22.63 -4.07
CA SER A 285 21.00 -22.50 -5.41
C SER A 285 22.49 -22.15 -5.35
N ASN A 286 23.01 -21.68 -4.17
CA ASN A 286 24.44 -21.41 -4.06
C ASN A 286 25.12 -22.19 -2.93
N VAL A 287 24.47 -23.25 -2.41
CA VAL A 287 25.01 -24.07 -1.33
C VAL A 287 24.86 -25.54 -1.71
N MET A 288 25.96 -26.28 -1.72
CA MET A 288 25.98 -27.68 -2.08
C MET A 288 26.68 -28.45 -1.00
N ILE A 289 26.13 -29.61 -0.63
CA ILE A 289 26.75 -30.46 0.36
C ILE A 289 27.43 -31.59 -0.38
N ILE A 290 28.68 -31.85 -0.05
CA ILE A 290 29.41 -32.97 -0.62
C ILE A 290 29.63 -34.00 0.49
N TYR A 291 29.45 -35.28 0.17
CA TYR A 291 29.64 -36.33 1.15
C TYR A 291 30.41 -37.54 0.58
N THR A 292 31.21 -38.19 1.41
CA THR A 292 32.03 -39.33 0.97
C THR A 292 31.84 -40.53 1.85
N SER A 293 32.03 -41.71 1.27
CA SER A 293 31.98 -42.95 2.03
C SER A 293 32.88 -43.99 1.40
N ILE A 294 33.65 -44.70 2.21
CA ILE A 294 34.48 -45.80 1.72
C ILE A 294 33.52 -46.96 1.54
N VAL A 295 33.09 -47.22 0.31
CA VAL A 295 32.13 -48.28 0.04
C VAL A 295 32.82 -49.66 -0.06
N TYR A 296 34.06 -49.71 -0.60
CA TYR A 296 34.80 -50.96 -0.66
C TYR A 296 36.22 -50.82 -0.13
N LYS A 297 36.56 -51.61 0.91
CA LYS A 297 37.89 -51.65 1.52
C LYS A 297 38.46 -53.07 1.40
N PRO A 298 39.54 -53.26 0.63
CA PRO A 298 40.14 -54.61 0.49
C PRO A 298 40.48 -55.30 1.82
N PRO A 299 40.46 -56.65 1.83
CA PRO A 299 40.75 -57.37 3.08
C PRO A 299 42.13 -57.08 3.66
N GLU A 300 43.14 -56.95 2.78
CA GLU A 300 44.52 -56.67 3.17
C GLU A 300 44.76 -55.27 3.78
N ILE A 301 43.76 -54.38 3.79
CA ILE A 301 43.93 -53.05 4.37
C ILE A 301 43.22 -52.96 5.71
N ILE A 302 44.00 -52.80 6.80
CA ILE A 302 43.44 -52.77 8.15
C ILE A 302 42.49 -51.59 8.34
N MET A 303 42.97 -50.36 8.14
CA MET A 303 42.14 -49.18 8.33
C MET A 303 42.44 -48.11 7.30
N CYS A 304 41.42 -47.35 6.90
CA CYS A 304 41.60 -46.28 5.93
C CYS A 304 40.69 -45.09 6.18
N ASP A 305 41.15 -43.91 5.80
CA ASP A 305 40.41 -42.67 5.97
C ASP A 305 40.40 -41.94 4.66
N ALA A 306 39.26 -41.39 4.29
CA ALA A 306 39.15 -40.58 3.09
C ALA A 306 38.72 -39.17 3.49
N TYR A 307 39.18 -38.16 2.76
CA TYR A 307 38.80 -36.78 3.04
C TYR A 307 38.92 -35.88 1.82
N VAL A 308 38.13 -34.81 1.77
CA VAL A 308 38.20 -33.86 0.67
C VAL A 308 39.09 -32.69 1.07
N THR A 309 39.84 -32.17 0.11
CA THR A 309 40.76 -31.06 0.35
C THR A 309 41.00 -30.26 -0.94
N ASP A 310 41.73 -29.14 -0.83
CA ASP A 310 42.18 -28.30 -1.92
C ASP A 310 41.04 -27.79 -2.83
N PHE A 311 40.08 -27.10 -2.22
CA PHE A 311 38.96 -26.52 -2.95
C PHE A 311 39.41 -25.21 -3.59
N PRO A 312 38.72 -24.74 -4.67
CA PRO A 312 39.07 -23.43 -5.26
C PRO A 312 38.98 -22.34 -4.19
N LEU A 313 40.01 -21.49 -4.11
CA LEU A 313 40.15 -20.45 -3.09
C LEU A 313 39.00 -19.46 -3.05
N ASP A 314 38.34 -19.25 -4.18
CA ASP A 314 37.19 -18.36 -4.26
C ASP A 314 35.98 -18.82 -3.41
N LEU A 315 35.92 -20.12 -3.06
CA LEU A 315 34.84 -20.64 -2.20
C LEU A 315 35.09 -20.35 -0.72
N ASP A 316 36.38 -20.11 -0.34
CA ASP A 316 36.83 -19.82 1.03
C ASP A 316 36.36 -20.88 2.01
N ILE A 317 36.74 -22.14 1.74
CA ILE A 317 36.36 -23.25 2.60
C ILE A 317 37.44 -23.42 3.64
N ASP A 318 37.11 -23.21 4.92
CA ASP A 318 38.05 -23.41 6.02
C ASP A 318 38.14 -24.93 6.23
N PRO A 319 39.33 -25.55 6.05
CA PRO A 319 39.46 -27.02 6.24
C PRO A 319 38.96 -27.57 7.57
N LYS A 320 38.92 -26.73 8.62
CA LYS A 320 38.43 -27.12 9.94
C LYS A 320 36.91 -27.34 9.97
N ASP A 321 36.17 -26.77 9.00
CA ASP A 321 34.72 -26.93 8.88
C ASP A 321 34.32 -28.07 7.92
N ALA A 322 35.28 -28.71 7.23
CA ALA A 322 35.05 -29.76 6.25
C ALA A 322 35.22 -31.16 6.85
N ASN A 323 34.73 -32.22 6.16
CA ASN A 323 34.90 -33.61 6.57
C ASN A 323 34.35 -33.89 7.95
N LYS A 324 33.15 -33.39 8.22
CA LYS A 324 32.52 -33.61 9.53
C LYS A 324 31.76 -34.93 9.54
N GLY A 325 31.63 -35.56 10.71
CA GLY A 325 30.91 -36.82 10.83
C GLY A 325 29.40 -36.67 10.71
N THR A 326 28.89 -35.43 10.83
CA THR A 326 27.46 -35.15 10.69
C THR A 326 27.29 -33.92 9.82
N PRO A 327 26.16 -33.82 9.08
CA PRO A 327 25.94 -32.61 8.26
C PRO A 327 25.74 -31.36 9.11
N GLU A 328 25.17 -31.52 10.32
CA GLU A 328 24.91 -30.40 11.23
C GLU A 328 26.16 -29.67 11.63
N GLU A 329 27.29 -30.37 11.74
CA GLU A 329 28.56 -29.74 12.08
C GLU A 329 29.09 -28.84 10.97
N THR A 330 28.61 -28.99 9.73
CA THR A 330 29.02 -28.11 8.63
C THR A 330 28.16 -26.84 8.56
N GLY A 331 27.12 -26.72 9.38
CA GLY A 331 26.16 -25.62 9.31
C GLY A 331 24.98 -25.99 8.44
N SER A 332 24.84 -27.28 8.10
CA SER A 332 23.79 -27.80 7.26
C SER A 332 22.77 -28.53 8.13
N TYR A 333 21.69 -27.84 8.43
CA TYR A 333 20.64 -28.36 9.29
C TYR A 333 19.30 -28.54 8.56
N LEU A 334 19.23 -28.28 7.24
CA LEU A 334 17.95 -28.34 6.54
C LEU A 334 17.83 -29.51 5.60
N VAL A 335 18.88 -29.80 4.84
CA VAL A 335 18.88 -30.98 3.97
C VAL A 335 19.38 -32.23 4.68
N SER A 336 19.92 -32.09 5.93
CA SER A 336 20.46 -33.15 6.79
C SER A 336 19.69 -34.44 6.76
N LYS A 337 18.39 -34.40 7.03
CA LYS A 337 17.54 -35.58 7.07
C LYS A 337 17.57 -36.39 5.79
N ASP A 338 17.58 -35.71 4.64
CA ASP A 338 17.60 -36.37 3.34
C ASP A 338 19.01 -36.68 2.82
N LEU A 339 19.98 -36.92 3.72
CA LEU A 339 21.35 -37.25 3.30
C LEU A 339 21.71 -38.63 3.84
N PRO A 340 22.46 -39.43 3.07
CA PRO A 340 22.92 -40.73 3.59
C PRO A 340 23.66 -40.62 4.91
N LYS A 341 23.59 -41.67 5.72
CA LYS A 341 24.25 -41.67 7.02
C LYS A 341 25.67 -42.27 6.96
N HIS A 342 26.47 -42.00 7.99
CA HIS A 342 27.81 -42.53 8.19
C HIS A 342 28.81 -42.09 7.08
N CYS A 343 28.61 -40.89 6.56
CA CYS A 343 29.49 -40.30 5.57
C CYS A 343 30.31 -39.19 6.25
N LEU A 344 31.21 -38.55 5.50
CA LEU A 344 31.88 -37.34 5.95
C LEU A 344 31.27 -36.24 5.08
N TYR A 345 30.96 -35.09 5.67
CA TYR A 345 30.23 -34.01 4.99
C TYR A 345 30.99 -32.71 4.92
N THR A 346 30.85 -32.01 3.80
CA THR A 346 31.47 -30.71 3.61
C THR A 346 30.43 -29.81 2.97
N ARG A 347 30.25 -28.60 3.51
CA ARG A 347 29.27 -27.66 2.96
C ARG A 347 30.01 -26.63 2.10
N LEU A 348 29.67 -26.57 0.84
CA LEU A 348 30.24 -25.62 -0.09
C LEU A 348 29.26 -24.51 -0.36
N SER A 349 29.37 -23.45 0.39
CA SER A 349 28.56 -22.27 0.17
C SER A 349 29.33 -21.31 -0.78
N SER A 350 28.77 -20.14 -1.10
CA SER A 350 29.40 -19.16 -1.98
C SER A 350 29.68 -19.69 -3.39
N LEU A 351 28.85 -20.62 -3.90
CA LEU A 351 29.05 -21.17 -5.24
C LEU A 351 29.00 -20.05 -6.32
N GLN A 352 28.25 -18.96 -6.07
CA GLN A 352 28.19 -17.81 -6.98
C GLN A 352 29.59 -17.16 -7.19
N LYS A 353 30.54 -17.40 -6.28
CA LYS A 353 31.89 -16.84 -6.40
C LYS A 353 32.86 -17.71 -7.25
N LEU A 354 32.44 -18.91 -7.63
CA LEU A 354 33.24 -19.82 -8.43
C LEU A 354 33.21 -19.36 -9.91
N LYS A 355 34.36 -19.00 -10.47
CA LYS A 355 34.44 -18.58 -11.88
C LYS A 355 35.07 -19.65 -12.79
N GLU A 356 35.69 -20.68 -12.19
CA GLU A 356 36.35 -21.80 -12.86
C GLU A 356 35.55 -23.10 -12.60
N HIS A 357 36.11 -24.27 -12.97
CA HIS A 357 35.49 -25.55 -12.68
C HIS A 357 35.74 -25.88 -11.22
N LEU A 358 34.80 -26.57 -10.58
CA LEU A 358 34.96 -27.00 -9.21
C LEU A 358 35.83 -28.24 -9.24
N VAL A 359 37.08 -28.02 -8.93
CA VAL A 359 38.10 -29.04 -8.90
C VAL A 359 38.57 -29.16 -7.45
N PHE A 360 38.63 -30.38 -6.95
CA PHE A 360 39.09 -30.62 -5.59
C PHE A 360 39.75 -32.01 -5.49
N THR A 361 40.32 -32.33 -4.34
CA THR A 361 41.03 -33.60 -4.17
C THR A 361 40.44 -34.49 -3.09
N VAL A 362 40.40 -35.80 -3.37
CA VAL A 362 39.97 -36.82 -2.45
C VAL A 362 41.23 -37.59 -1.99
N CYS A 363 41.63 -37.39 -0.75
CA CYS A 363 42.79 -38.03 -0.15
C CYS A 363 42.41 -39.35 0.48
N LEU A 364 43.37 -40.26 0.58
CA LEU A 364 43.15 -41.56 1.18
C LEU A 364 44.38 -41.93 2.00
N SER A 365 44.18 -42.27 3.28
CA SER A 365 45.23 -42.65 4.20
C SER A 365 44.92 -44.07 4.66
N TYR A 366 45.63 -45.07 4.15
CA TYR A 366 45.36 -46.46 4.50
C TYR A 366 46.57 -47.20 5.03
N GLN A 367 46.36 -48.05 6.04
CA GLN A 367 47.44 -48.84 6.60
C GLN A 367 47.23 -50.32 6.26
N TYR A 368 48.24 -50.96 5.65
CA TYR A 368 48.20 -52.37 5.27
C TYR A 368 48.28 -53.32 6.46
N SER A 369 47.76 -54.54 6.29
CA SER A 369 47.74 -55.55 7.35
C SER A 369 49.13 -56.01 7.77
N GLY A 370 49.36 -56.04 9.08
CA GLY A 370 50.63 -56.46 9.66
C GLY A 370 51.80 -55.55 9.35
N LEU A 371 51.52 -54.30 8.94
CA LEU A 371 52.54 -53.31 8.57
C LEU A 371 52.49 -52.08 9.49
N GLU A 372 53.59 -51.31 9.54
CA GLU A 372 53.66 -50.12 10.39
C GLU A 372 53.78 -48.82 9.59
N ASP A 373 53.30 -48.81 8.34
CA ASP A 373 53.37 -47.62 7.51
C ASP A 373 51.97 -47.10 7.15
N THR A 374 51.80 -45.77 7.08
CA THR A 374 50.54 -45.19 6.67
C THR A 374 50.72 -44.78 5.21
N VAL A 375 49.89 -45.28 4.30
CA VAL A 375 50.03 -44.97 2.88
C VAL A 375 49.07 -43.87 2.44
N GLU A 376 49.58 -42.85 1.76
CA GLU A 376 48.77 -41.76 1.25
C GLU A 376 48.64 -41.87 -0.27
N ASP A 377 47.46 -41.54 -0.81
CA ASP A 377 47.16 -41.55 -2.24
C ASP A 377 46.04 -40.52 -2.47
N LYS A 378 46.10 -39.75 -3.56
CA LYS A 378 45.10 -38.73 -3.84
C LYS A 378 44.63 -38.73 -5.28
N GLN A 379 43.39 -38.30 -5.50
CA GLN A 379 42.81 -38.25 -6.85
C GLN A 379 42.06 -36.93 -7.03
N GLU A 380 42.35 -36.21 -8.11
CA GLU A 380 41.67 -34.97 -8.41
C GLU A 380 40.33 -35.25 -9.05
N VAL A 381 39.34 -34.43 -8.76
CA VAL A 381 37.99 -34.58 -9.27
C VAL A 381 37.54 -33.24 -9.86
N ASN A 382 36.95 -33.25 -11.04
CA ASN A 382 36.45 -32.03 -11.67
C ASN A 382 34.97 -32.27 -11.85
N VAL A 383 34.13 -31.57 -11.06
CA VAL A 383 32.68 -31.73 -11.20
C VAL A 383 32.00 -30.58 -11.97
N GLY A 384 32.77 -29.79 -12.69
CA GLY A 384 32.26 -28.69 -13.49
C GLY A 384 31.77 -27.48 -12.70
N LYS A 385 30.69 -26.87 -13.15
CA LYS A 385 30.12 -25.70 -12.51
C LYS A 385 28.75 -26.03 -11.96
N PRO A 386 28.69 -26.37 -10.67
CA PRO A 386 27.42 -26.79 -10.11
C PRO A 386 26.46 -25.67 -9.73
N LEU A 387 25.17 -25.96 -9.80
CA LEU A 387 24.10 -25.10 -9.34
C LEU A 387 24.21 -23.68 -9.95
N ILE A 388 24.07 -22.58 -9.18
CA ILE A 388 24.18 -21.22 -9.73
C ILE A 388 25.51 -20.92 -10.47
N ALA A 389 26.59 -21.67 -10.18
CA ALA A 389 27.87 -21.47 -10.87
C ALA A 389 27.80 -21.89 -12.35
N LYS A 390 26.78 -22.67 -12.75
CA LYS A 390 26.56 -23.09 -14.14
C LYS A 390 26.26 -21.87 -15.06
N LEU A 391 25.73 -20.78 -14.49
CA LEU A 391 25.48 -19.54 -15.22
C LEU A 391 26.82 -18.84 -15.55
N ASP A 392 26.81 -17.87 -16.48
CA ASP A 392 28.02 -17.12 -16.82
C ASP A 392 27.72 -15.68 -17.24
N ASP B 12 -14.86 -11.57 18.21
CA ASP B 12 -15.94 -10.72 18.71
C ASP B 12 -15.92 -9.32 18.04
N GLN B 13 -17.11 -8.65 17.97
CA GLN B 13 -17.36 -7.36 17.32
C GLN B 13 -16.45 -6.19 17.74
N PRO B 14 -15.62 -5.71 16.79
CA PRO B 14 -14.77 -4.54 17.06
C PRO B 14 -15.61 -3.26 17.15
N LEU B 15 -15.20 -2.34 17.99
CA LEU B 15 -15.92 -1.10 18.23
C LEU B 15 -15.10 0.14 17.96
N ALA B 16 -15.78 1.22 17.60
CA ALA B 16 -15.16 2.51 17.38
C ALA B 16 -15.39 3.37 18.61
N LYS B 17 -14.38 4.13 19.09
CA LYS B 17 -14.65 5.05 20.21
C LYS B 17 -15.54 6.19 19.66
N ASP B 18 -15.19 6.67 18.45
CA ASP B 18 -15.93 7.68 17.71
C ASP B 18 -15.67 7.52 16.19
N LYS B 19 -16.38 8.28 15.35
CA LYS B 19 -16.24 8.23 13.90
C LYS B 19 -16.33 9.63 13.41
N VAL B 20 -15.24 10.11 12.83
CA VAL B 20 -15.14 11.47 12.32
C VAL B 20 -14.54 11.41 10.91
N ALA B 21 -14.98 12.33 10.06
CA ALA B 21 -14.52 12.41 8.68
C ALA B 21 -14.38 13.86 8.19
N LEU B 22 -13.33 14.13 7.44
CA LEU B 22 -13.08 15.39 6.79
C LEU B 22 -13.03 15.12 5.28
N LEU B 23 -13.94 15.76 4.51
CA LEU B 23 -14.01 15.61 3.06
C LEU B 23 -13.74 16.95 2.42
N ILE B 24 -12.78 17.01 1.50
CA ILE B 24 -12.42 18.23 0.78
C ILE B 24 -12.56 17.99 -0.72
N GLY B 25 -13.25 18.91 -1.41
CA GLY B 25 -13.46 18.86 -2.84
C GLY B 25 -13.06 20.15 -3.52
N ASN B 26 -11.96 20.12 -4.28
CA ASN B 26 -11.49 21.32 -4.97
C ASN B 26 -11.89 21.32 -6.43
N MET B 27 -12.61 22.36 -6.84
CA MET B 27 -13.11 22.46 -8.21
C MET B 27 -12.74 23.74 -8.94
N ASN B 28 -12.87 24.90 -8.26
N ASN B 28 -12.89 24.89 -8.30
CA ASN B 28 -12.65 26.26 -8.75
CA ASN B 28 -12.69 26.17 -8.95
C ASN B 28 -11.19 26.70 -8.62
C ASN B 28 -11.29 26.73 -8.73
N TYR B 29 -10.33 26.17 -9.49
CA TYR B 29 -8.91 26.52 -9.46
C TYR B 29 -8.62 27.86 -10.14
N ARG B 30 -7.80 28.70 -9.53
CA ARG B 30 -7.47 30.00 -10.10
C ARG B 30 -6.56 29.88 -11.33
N GLU B 31 -5.48 29.08 -11.23
CA GLU B 31 -4.50 28.92 -12.30
C GLU B 31 -4.47 27.51 -12.93
N HIS B 32 -5.48 26.68 -12.66
CA HIS B 32 -5.54 25.31 -13.18
C HIS B 32 -6.95 24.97 -13.71
N PRO B 33 -7.16 23.87 -14.47
CA PRO B 33 -8.51 23.60 -15.00
C PRO B 33 -9.54 23.32 -13.91
N LYS B 34 -10.79 23.65 -14.21
CA LYS B 34 -11.86 23.45 -13.24
C LYS B 34 -12.36 22.02 -13.30
N LEU B 35 -12.65 21.45 -12.13
CA LEU B 35 -13.19 20.10 -12.06
C LEU B 35 -14.68 20.15 -11.74
N LYS B 36 -15.42 19.09 -12.05
CA LYS B 36 -16.85 19.08 -11.75
C LYS B 36 -17.24 18.00 -10.75
N ALA B 37 -16.64 16.80 -10.88
CA ALA B 37 -16.95 15.63 -10.06
C ALA B 37 -16.80 15.82 -8.53
N PRO B 38 -15.85 16.61 -7.98
CA PRO B 38 -15.80 16.75 -6.50
C PRO B 38 -17.09 17.21 -5.83
N LEU B 39 -17.93 18.02 -6.51
CA LEU B 39 -19.19 18.52 -5.94
C LEU B 39 -20.12 17.38 -5.58
N VAL B 40 -20.41 16.52 -6.56
CA VAL B 40 -21.29 15.38 -6.40
C VAL B 40 -20.66 14.35 -5.51
N ASP B 41 -19.37 14.07 -5.72
CA ASP B 41 -18.65 13.04 -4.96
C ASP B 41 -18.59 13.38 -3.47
N VAL B 42 -18.22 14.63 -3.10
CA VAL B 42 -18.15 15.02 -1.68
C VAL B 42 -19.56 14.99 -1.03
N TYR B 43 -20.59 15.41 -1.76
CA TYR B 43 -21.96 15.41 -1.26
C TYR B 43 -22.47 14.00 -1.01
N GLU B 44 -22.30 13.10 -1.96
CA GLU B 44 -22.75 11.73 -1.82
C GLU B 44 -21.96 10.97 -0.78
N LEU B 45 -20.63 11.16 -0.73
CA LEU B 45 -19.81 10.47 0.28
C LEU B 45 -20.20 10.95 1.68
N THR B 46 -20.55 12.23 1.84
CA THR B 46 -20.98 12.78 3.13
C THR B 46 -22.21 12.04 3.64
N ASN B 47 -23.19 11.82 2.74
CA ASN B 47 -24.42 11.16 3.11
C ASN B 47 -24.25 9.67 3.39
N LEU B 48 -23.34 9.00 2.69
CA LEU B 48 -23.07 7.58 2.96
C LEU B 48 -22.37 7.46 4.33
N LEU B 49 -21.45 8.36 4.65
CA LEU B 49 -20.73 8.32 5.92
C LEU B 49 -21.68 8.64 7.09
N ARG B 50 -22.61 9.57 6.91
CA ARG B 50 -23.62 9.89 7.92
C ARG B 50 -24.48 8.64 8.22
N GLN B 51 -24.84 7.84 7.18
CA GLN B 51 -25.58 6.58 7.31
C GLN B 51 -24.80 5.56 8.17
N LEU B 52 -23.47 5.62 8.15
CA LEU B 52 -22.57 4.81 8.96
C LEU B 52 -22.21 5.46 10.30
N ASP B 53 -22.93 6.55 10.70
CA ASP B 53 -22.85 7.28 11.95
C ASP B 53 -21.54 8.03 12.15
N PHE B 54 -20.96 8.52 11.04
CA PHE B 54 -19.79 9.38 11.11
C PHE B 54 -20.25 10.81 11.31
N LYS B 55 -19.46 11.58 12.04
CA LYS B 55 -19.62 13.03 12.17
C LYS B 55 -18.80 13.50 10.97
N VAL B 56 -19.40 14.24 10.03
CA VAL B 56 -18.68 14.65 8.82
C VAL B 56 -18.53 16.17 8.68
N VAL B 57 -17.36 16.64 8.23
CA VAL B 57 -17.15 18.03 7.83
C VAL B 57 -16.80 17.99 6.33
N SER B 58 -17.58 18.70 5.50
CA SER B 58 -17.47 18.71 4.05
C SER B 58 -17.18 20.10 3.54
N LEU B 59 -16.07 20.26 2.82
CA LEU B 59 -15.63 21.57 2.39
C LEU B 59 -15.26 21.63 0.94
N LEU B 60 -15.72 22.64 0.26
CA LEU B 60 -15.41 22.85 -1.15
C LEU B 60 -14.43 24.00 -1.36
N ASP B 61 -13.57 23.90 -2.37
CA ASP B 61 -12.69 24.96 -2.81
C ASP B 61 -11.91 25.62 -1.69
N LEU B 62 -10.89 24.94 -1.18
CA LEU B 62 -10.11 25.46 -0.10
C LEU B 62 -8.75 25.92 -0.61
N THR B 63 -8.26 27.03 -0.04
CA THR B 63 -6.94 27.55 -0.34
C THR B 63 -5.92 26.72 0.50
N GLU B 64 -4.60 26.95 0.28
CA GLU B 64 -3.54 26.25 1.00
C GLU B 64 -3.70 26.41 2.50
N TYR B 65 -3.88 27.65 2.93
CA TYR B 65 -4.04 28.05 4.32
C TYR B 65 -5.27 27.35 4.94
N GLU B 66 -6.38 27.35 4.21
CA GLU B 66 -7.62 26.71 4.68
C GLU B 66 -7.47 25.19 4.82
N MET B 67 -6.82 24.56 3.83
CA MET B 67 -6.58 23.13 3.82
C MET B 67 -5.67 22.68 4.96
N ARG B 68 -4.57 23.41 5.22
CA ARG B 68 -3.66 23.06 6.32
C ARG B 68 -4.36 23.13 7.65
N ASN B 69 -5.24 24.14 7.83
CA ASN B 69 -6.01 24.27 9.04
C ASN B 69 -7.03 23.16 9.18
N ALA B 70 -7.75 22.82 8.10
CA ALA B 70 -8.77 21.76 8.15
C ALA B 70 -8.14 20.42 8.49
N VAL B 71 -7.01 20.07 7.83
CA VAL B 71 -6.35 18.79 8.09
C VAL B 71 -5.74 18.72 9.51
N ASP B 72 -5.02 19.76 9.96
CA ASP B 72 -4.46 19.82 11.32
C ASP B 72 -5.57 19.71 12.38
N GLU B 73 -6.73 20.34 12.15
CA GLU B 73 -7.82 20.28 13.13
C GLU B 73 -8.51 18.92 13.14
N PHE B 74 -8.57 18.25 11.99
CA PHE B 74 -9.10 16.90 11.92
C PHE B 74 -8.14 15.93 12.64
N LEU B 75 -6.82 16.11 12.51
CA LEU B 75 -5.85 15.25 13.17
C LEU B 75 -5.94 15.29 14.71
N LEU B 76 -6.34 16.43 15.31
CA LEU B 76 -6.53 16.57 16.75
C LEU B 76 -7.74 15.79 17.28
N LEU B 77 -8.68 15.39 16.38
CA LEU B 77 -9.86 14.60 16.77
C LEU B 77 -9.51 13.11 16.95
N LEU B 78 -8.38 12.67 16.39
CA LEU B 78 -7.97 11.28 16.35
C LEU B 78 -7.41 10.78 17.69
N ASP B 79 -8.28 10.68 18.69
CA ASP B 79 -7.91 10.14 19.98
C ASP B 79 -7.85 8.59 19.90
N LYS B 80 -7.38 7.94 20.98
CA LYS B 80 -7.25 6.49 21.04
C LYS B 80 -8.58 5.78 20.75
N GLY B 81 -8.56 4.83 19.83
CA GLY B 81 -9.75 4.07 19.48
C GLY B 81 -10.70 4.74 18.50
N VAL B 82 -10.42 6.00 18.10
CA VAL B 82 -11.27 6.74 17.16
C VAL B 82 -11.11 6.24 15.72
N TYR B 83 -12.19 6.28 14.91
CA TYR B 83 -12.11 5.91 13.50
C TYR B 83 -12.14 7.21 12.73
N GLY B 84 -11.08 7.50 11.99
CA GLY B 84 -10.99 8.68 11.16
C GLY B 84 -11.04 8.38 9.67
N LEU B 85 -11.63 9.29 8.89
CA LEU B 85 -11.64 9.16 7.44
C LEU B 85 -11.35 10.52 6.81
N LEU B 86 -10.33 10.58 5.98
CA LEU B 86 -9.98 11.80 5.28
C LEU B 86 -10.18 11.53 3.78
N TYR B 87 -11.01 12.33 3.12
CA TYR B 87 -11.21 12.17 1.69
C TYR B 87 -10.87 13.48 0.95
N TYR B 88 -10.04 13.39 -0.10
CA TYR B 88 -9.71 14.56 -0.89
C TYR B 88 -10.00 14.28 -2.35
N ALA B 89 -10.75 15.18 -3.01
CA ALA B 89 -11.04 15.12 -4.45
C ALA B 89 -10.56 16.44 -5.07
N GLY B 90 -9.79 16.35 -6.13
CA GLY B 90 -9.28 17.54 -6.83
C GLY B 90 -7.98 17.29 -7.54
N HIS B 91 -7.27 18.38 -7.91
CA HIS B 91 -5.97 18.23 -8.54
C HIS B 91 -4.94 17.69 -7.56
N GLY B 92 -4.10 16.82 -8.08
CA GLY B 92 -2.97 16.26 -7.38
C GLY B 92 -1.77 16.13 -8.30
N TYR B 93 -0.59 15.91 -7.73
CA TYR B 93 0.61 15.69 -8.54
C TYR B 93 1.70 14.94 -7.76
N GLU B 94 2.48 14.12 -8.47
CA GLU B 94 3.54 13.35 -7.85
C GLU B 94 4.90 13.92 -8.27
N ASN B 95 5.71 14.34 -7.29
CA ASN B 95 7.03 14.91 -7.55
C ASN B 95 8.06 14.30 -6.62
N PHE B 96 8.97 13.48 -7.16
CA PHE B 96 10.06 12.80 -6.44
C PHE B 96 9.55 11.81 -5.38
N GLY B 97 8.68 10.91 -5.79
CA GLY B 97 8.13 9.89 -4.90
C GLY B 97 7.08 10.38 -3.91
N ASN B 98 6.88 11.70 -3.82
CA ASN B 98 5.90 12.28 -2.93
C ASN B 98 4.69 12.76 -3.71
N SER B 99 3.48 12.56 -3.18
CA SER B 99 2.28 13.07 -3.84
C SER B 99 1.74 14.30 -3.07
N PHE B 100 1.02 15.16 -3.78
CA PHE B 100 0.54 16.41 -3.20
C PHE B 100 -0.91 16.72 -3.58
N MET B 101 -1.61 17.37 -2.66
CA MET B 101 -2.99 17.79 -2.90
C MET B 101 -2.89 19.26 -3.26
N VAL B 102 -3.42 19.63 -4.43
CA VAL B 102 -3.34 21.00 -4.90
C VAL B 102 -4.52 21.88 -4.40
N PRO B 103 -4.23 22.97 -3.68
CA PRO B 103 -5.31 23.88 -3.26
C PRO B 103 -5.76 24.80 -4.40
N VAL B 104 -6.96 25.39 -4.31
CA VAL B 104 -7.47 26.25 -5.39
C VAL B 104 -6.63 27.52 -5.66
N ASP B 105 -5.80 27.98 -4.71
CA ASP B 105 -4.98 29.18 -4.93
C ASP B 105 -3.55 28.86 -5.46
N ALA B 106 -3.29 27.60 -5.84
CA ALA B 106 -1.96 27.21 -6.31
C ALA B 106 -1.62 27.82 -7.66
N PRO B 107 -0.42 28.40 -7.76
CA PRO B 107 -0.01 28.99 -9.05
C PRO B 107 0.31 27.92 -10.11
N ASN B 108 0.43 28.35 -11.37
CA ASN B 108 0.80 27.47 -12.48
C ASN B 108 2.23 27.84 -12.89
N PRO B 109 3.24 26.94 -12.82
CA PRO B 109 3.19 25.51 -12.44
C PRO B 109 3.18 25.24 -10.94
N TYR B 110 2.86 24.00 -10.54
CA TYR B 110 2.80 23.62 -9.13
C TYR B 110 4.12 23.77 -8.39
N ARG B 111 4.06 24.28 -7.16
CA ARG B 111 5.21 24.37 -6.29
C ARG B 111 4.86 23.61 -5.02
N SER B 112 5.72 22.66 -4.63
CA SER B 112 5.57 21.80 -3.46
C SER B 112 5.27 22.53 -2.17
N GLU B 113 5.87 23.69 -1.96
CA GLU B 113 5.65 24.46 -0.73
C GLU B 113 4.22 25.01 -0.64
N ASN B 114 3.54 25.19 -1.80
CA ASN B 114 2.16 25.65 -1.87
C ASN B 114 1.14 24.51 -1.80
N CYS B 115 1.58 23.25 -1.89
CA CYS B 115 0.72 22.08 -1.85
C CYS B 115 0.84 21.29 -0.57
N LEU B 116 -0.16 20.43 -0.29
CA LEU B 116 -0.14 19.64 0.93
C LEU B 116 0.44 18.26 0.64
N CYS B 117 1.54 17.92 1.33
CA CYS B 117 2.21 16.64 1.13
C CYS B 117 1.46 15.51 1.82
N VAL B 118 1.07 14.52 1.02
CA VAL B 118 0.31 13.35 1.45
C VAL B 118 1.11 12.45 2.41
N GLN B 119 2.39 12.25 2.11
CA GLN B 119 3.30 11.47 2.93
C GLN B 119 3.45 12.11 4.31
N ASN B 120 3.49 13.45 4.38
CA ASN B 120 3.59 14.15 5.67
C ASN B 120 2.34 13.89 6.51
N ILE B 121 1.16 13.86 5.87
CA ILE B 121 -0.10 13.60 6.57
C ILE B 121 -0.14 12.17 7.08
N LEU B 122 0.26 11.20 6.26
CA LEU B 122 0.27 9.78 6.64
C LEU B 122 1.19 9.54 7.87
N LYS B 123 2.30 10.28 7.95
CA LYS B 123 3.26 10.24 9.06
C LYS B 123 2.61 10.75 10.35
N LEU B 124 1.82 11.82 10.27
CA LEU B 124 1.12 12.34 11.43
C LEU B 124 0.05 11.37 11.90
N MET B 125 -0.64 10.70 10.96
CA MET B 125 -1.66 9.71 11.30
C MET B 125 -1.03 8.48 12.01
N GLN B 126 0.21 8.12 11.63
CA GLN B 126 0.93 7.00 12.22
C GLN B 126 1.17 7.20 13.73
N GLU B 127 1.32 8.45 14.17
CA GLU B 127 1.53 8.81 15.57
C GLU B 127 0.26 8.69 16.43
N LYS B 128 -0.88 8.36 15.84
CA LYS B 128 -2.15 8.26 16.58
C LYS B 128 -2.43 6.82 17.02
N GLU B 129 -3.24 6.66 18.08
CA GLU B 129 -3.67 5.35 18.55
C GLU B 129 -5.09 5.08 18.06
N THR B 130 -5.38 5.47 16.82
CA THR B 130 -6.71 5.29 16.24
C THR B 130 -7.04 3.82 16.06
N GLY B 131 -8.31 3.48 16.15
CA GLY B 131 -8.78 2.13 15.87
C GLY B 131 -8.72 1.86 14.37
N LEU B 132 -9.04 2.88 13.57
CA LEU B 132 -8.99 2.80 12.11
C LEU B 132 -8.80 4.22 11.57
N ASN B 133 -7.86 4.37 10.66
CA ASN B 133 -7.53 5.64 10.01
C ASN B 133 -7.61 5.37 8.49
N VAL B 134 -8.59 5.96 7.79
CA VAL B 134 -8.76 5.78 6.36
C VAL B 134 -8.42 7.05 5.60
N PHE B 135 -7.44 6.99 4.71
CA PHE B 135 -7.06 8.15 3.90
C PHE B 135 -7.33 7.86 2.42
N LEU B 136 -8.33 8.54 1.83
CA LEU B 136 -8.70 8.33 0.44
C LEU B 136 -8.41 9.56 -0.40
N LEU B 137 -7.53 9.42 -1.36
CA LEU B 137 -7.12 10.48 -2.28
C LEU B 137 -7.76 10.12 -3.61
N ASP B 138 -8.58 11.00 -4.17
CA ASP B 138 -9.28 10.82 -5.45
C ASP B 138 -8.77 11.98 -6.32
N MET B 139 -7.56 11.81 -6.83
CA MET B 139 -6.88 12.90 -7.52
C MET B 139 -6.88 12.83 -9.02
N CYS B 140 -6.87 14.01 -9.60
CA CYS B 140 -6.81 14.19 -11.03
C CYS B 140 -5.36 14.56 -11.36
N ARG B 141 -4.77 13.85 -12.34
CA ARG B 141 -3.40 14.12 -12.77
C ARG B 141 -3.38 14.74 -14.18
N THR B 159 -0.97 0.85 17.71
CA THR B 159 -0.61 1.30 16.36
C THR B 159 -1.79 2.03 15.68
N ALA B 160 -1.53 2.70 14.54
CA ALA B 160 -2.52 3.52 13.86
C ALA B 160 -3.58 2.79 13.02
N ASN B 161 -3.26 1.61 12.43
CA ASN B 161 -4.23 0.90 11.58
C ASN B 161 -4.64 1.75 10.36
N ILE B 162 -3.66 2.22 9.59
CA ILE B 162 -3.94 3.05 8.43
C ILE B 162 -4.28 2.25 7.16
N VAL B 163 -5.31 2.68 6.44
CA VAL B 163 -5.73 2.13 5.16
C VAL B 163 -5.78 3.34 4.24
N PHE B 164 -4.92 3.34 3.24
CA PHE B 164 -4.74 4.42 2.32
C PHE B 164 -5.10 4.02 0.89
N GLY B 165 -6.09 4.71 0.33
CA GLY B 165 -6.54 4.49 -1.03
C GLY B 165 -6.10 5.64 -1.91
N TYR B 166 -5.24 5.35 -2.87
CA TYR B 166 -4.70 6.34 -3.77
C TYR B 166 -5.27 6.11 -5.16
N ALA B 167 -6.26 6.90 -5.54
CA ALA B 167 -6.89 6.79 -6.85
C ALA B 167 -6.43 7.92 -7.73
N THR B 168 -6.03 7.61 -8.97
CA THR B 168 -5.61 8.64 -9.91
C THR B 168 -6.34 8.49 -11.22
N CYS B 169 -6.87 9.60 -11.72
CA CYS B 169 -7.56 9.60 -12.98
C CYS B 169 -6.94 10.56 -13.98
N GLN B 170 -7.13 10.24 -15.25
CA GLN B 170 -6.66 11.01 -16.39
C GLN B 170 -7.43 12.31 -16.47
N GLY B 171 -6.71 13.42 -16.58
CA GLY B 171 -7.31 14.74 -16.76
C GLY B 171 -8.08 14.78 -18.07
N ALA B 172 -9.25 15.42 -18.07
CA ALA B 172 -10.09 15.47 -19.27
C ALA B 172 -9.41 16.17 -20.45
N GLU B 173 -9.20 15.42 -21.54
CA GLU B 173 -8.61 15.95 -22.77
C GLU B 173 -9.57 16.97 -23.39
N ALA B 174 -9.01 18.04 -23.98
CA ALA B 174 -9.75 19.16 -24.54
C ALA B 174 -10.87 18.82 -25.52
N PHE B 175 -10.72 17.75 -26.31
CA PHE B 175 -11.73 17.42 -27.33
C PHE B 175 -12.68 16.29 -26.94
N GLU B 176 -12.60 15.79 -25.71
CA GLU B 176 -13.49 14.73 -25.26
C GLU B 176 -14.91 15.25 -25.06
N ILE B 177 -15.90 14.42 -25.40
CA ILE B 177 -17.31 14.79 -25.26
C ILE B 177 -17.67 14.77 -23.78
N GLN B 178 -17.90 15.96 -23.21
CA GLN B 178 -18.27 16.10 -21.80
C GLN B 178 -19.72 15.65 -21.59
N HIS B 179 -19.98 15.01 -20.45
CA HIS B 179 -21.35 14.62 -20.09
C HIS B 179 -21.90 15.61 -19.01
N SER B 180 -23.01 15.29 -18.32
CA SER B 180 -23.58 16.17 -17.29
C SER B 180 -22.55 16.51 -16.19
N GLY B 181 -22.57 17.77 -15.74
CA GLY B 181 -21.74 18.24 -14.65
C GLY B 181 -22.10 17.62 -13.30
N LEU B 182 -23.27 16.93 -13.23
CA LEU B 182 -23.70 16.25 -12.03
C LEU B 182 -23.46 14.75 -12.10
N ALA B 183 -22.38 14.33 -12.74
CA ALA B 183 -22.03 12.91 -12.79
C ALA B 183 -20.95 12.61 -11.73
N ASN B 184 -20.95 11.39 -11.19
CA ASN B 184 -19.91 11.00 -10.24
C ASN B 184 -18.60 10.80 -11.02
N GLY B 185 -17.49 11.00 -10.33
CA GLY B 185 -16.17 10.64 -10.83
C GLY B 185 -16.06 9.11 -10.84
N ILE B 186 -15.05 8.56 -11.52
CA ILE B 186 -14.92 7.11 -11.64
C ILE B 186 -14.75 6.44 -10.29
N PHE B 187 -13.78 6.87 -9.46
CA PHE B 187 -13.59 6.25 -8.14
C PHE B 187 -14.87 6.20 -7.29
N MET B 188 -15.54 7.33 -7.08
CA MET B 188 -16.76 7.38 -6.28
C MET B 188 -17.90 6.55 -6.83
N LYS B 189 -18.07 6.47 -8.17
CA LYS B 189 -19.09 5.61 -8.77
C LYS B 189 -18.89 4.13 -8.29
N PHE B 190 -17.64 3.65 -8.24
CA PHE B 190 -17.37 2.30 -7.76
C PHE B 190 -17.43 2.18 -6.25
N LEU B 191 -16.90 3.18 -5.51
CA LEU B 191 -16.88 3.18 -4.06
C LEU B 191 -18.27 3.22 -3.43
N LYS B 192 -19.17 4.08 -3.92
CA LYS B 192 -20.53 4.18 -3.37
C LYS B 192 -21.32 2.87 -3.40
N ASP B 193 -21.03 1.96 -4.35
CA ASP B 193 -21.72 0.66 -4.44
C ASP B 193 -21.20 -0.38 -3.45
N ARG B 194 -20.09 -0.11 -2.76
CA ARG B 194 -19.52 -1.06 -1.80
C ARG B 194 -19.43 -0.49 -0.40
N LEU B 195 -19.34 0.84 -0.26
CA LEU B 195 -19.10 1.54 0.99
C LEU B 195 -19.96 1.15 2.17
N LEU B 196 -21.24 0.81 1.94
CA LEU B 196 -22.13 0.42 3.03
C LEU B 196 -21.97 -1.03 3.47
N GLU B 197 -21.21 -1.86 2.73
CA GLU B 197 -21.05 -3.28 3.13
C GLU B 197 -20.50 -3.44 4.53
N ASP B 198 -20.99 -4.45 5.26
CA ASP B 198 -20.47 -4.75 6.58
C ASP B 198 -19.31 -5.72 6.36
N LYS B 199 -18.21 -5.21 5.83
CA LYS B 199 -17.02 -6.01 5.55
C LYS B 199 -15.79 -5.23 5.96
N LYS B 200 -14.68 -5.93 6.24
CA LYS B 200 -13.39 -5.32 6.60
C LYS B 200 -13.00 -4.29 5.50
N ILE B 201 -12.64 -3.05 5.90
CA ILE B 201 -12.39 -1.96 4.94
C ILE B 201 -11.37 -2.32 3.82
N THR B 202 -10.32 -3.09 4.16
CA THR B 202 -9.32 -3.53 3.18
C THR B 202 -9.93 -4.47 2.13
N VAL B 203 -10.82 -5.36 2.55
CA VAL B 203 -11.50 -6.29 1.66
C VAL B 203 -12.49 -5.54 0.78
N LEU B 204 -13.23 -4.61 1.37
CA LEU B 204 -14.18 -3.76 0.65
C LEU B 204 -13.44 -2.98 -0.44
N LEU B 205 -12.31 -2.35 -0.12
CA LEU B 205 -11.55 -1.56 -1.09
C LEU B 205 -10.96 -2.46 -2.19
N ASP B 206 -10.54 -3.68 -1.83
CA ASP B 206 -10.03 -4.68 -2.76
C ASP B 206 -11.13 -5.06 -3.76
N GLU B 207 -12.40 -5.15 -3.31
CA GLU B 207 -13.54 -5.41 -4.20
C GLU B 207 -13.79 -4.20 -5.11
N VAL B 208 -13.55 -2.96 -4.63
CA VAL B 208 -13.73 -1.75 -5.45
C VAL B 208 -12.67 -1.79 -6.57
N ALA B 209 -11.40 -2.11 -6.20
CA ALA B 209 -10.30 -2.23 -7.15
C ALA B 209 -10.60 -3.28 -8.24
N GLU B 210 -11.24 -4.37 -7.84
CA GLU B 210 -11.58 -5.43 -8.77
C GLU B 210 -12.75 -5.05 -9.68
N ASP B 211 -13.72 -4.30 -9.15
CA ASP B 211 -14.83 -3.79 -9.94
C ASP B 211 -14.36 -2.86 -11.03
N MET B 212 -13.36 -2.01 -10.72
CA MET B 212 -12.79 -1.10 -11.71
C MET B 212 -12.04 -1.86 -12.80
N GLY B 213 -11.40 -2.96 -12.45
CA GLY B 213 -10.67 -3.81 -13.38
C GLY B 213 -11.59 -4.50 -14.38
N LYS B 214 -12.77 -4.96 -13.93
CA LYS B 214 -13.78 -5.60 -14.80
C LYS B 214 -14.38 -4.59 -15.80
N CYS B 215 -14.50 -3.33 -15.39
CA CYS B 215 -15.03 -2.29 -16.25
C CYS B 215 -13.91 -1.86 -17.18
N HIS B 216 -13.99 -2.27 -18.45
CA HIS B 216 -12.92 -1.97 -19.41
C HIS B 216 -12.85 -0.50 -19.82
N LEU B 217 -13.90 0.28 -19.54
CA LEU B 217 -13.92 1.73 -19.82
C LEU B 217 -12.85 2.45 -18.97
N THR B 218 -12.56 1.92 -17.77
CA THR B 218 -11.60 2.51 -16.83
C THR B 218 -10.14 2.07 -17.06
N LYS B 219 -9.90 1.09 -17.97
CA LYS B 219 -8.58 0.50 -18.29
C LYS B 219 -7.39 1.49 -18.32
N GLY B 220 -7.58 2.65 -18.93
CA GLY B 220 -6.53 3.67 -18.97
C GLY B 220 -6.94 5.03 -18.42
N LYS B 221 -8.13 5.10 -17.78
CA LYS B 221 -8.65 6.36 -17.26
C LYS B 221 -8.59 6.44 -15.74
N GLN B 222 -8.64 5.29 -15.04
CA GLN B 222 -8.63 5.29 -13.59
C GLN B 222 -7.74 4.20 -12.98
N ALA B 223 -6.82 4.59 -12.11
CA ALA B 223 -5.96 3.67 -11.40
C ALA B 223 -6.24 3.76 -9.90
N LEU B 224 -5.91 2.70 -9.15
CA LEU B 224 -6.13 2.66 -7.72
C LEU B 224 -5.07 1.80 -7.02
N GLU B 225 -4.30 2.41 -6.12
CA GLU B 225 -3.37 1.67 -5.30
C GLU B 225 -3.93 1.65 -3.85
N ILE B 226 -3.86 0.52 -3.17
CA ILE B 226 -4.29 0.43 -1.78
C ILE B 226 -3.08 0.10 -0.94
N ARG B 227 -2.78 0.92 0.06
CA ARG B 227 -1.68 0.68 0.98
C ARG B 227 -2.30 0.49 2.38
N SER B 228 -1.92 -0.56 3.10
CA SER B 228 -2.54 -0.86 4.38
C SER B 228 -1.62 -1.46 5.45
N SER B 229 -1.77 -1.00 6.69
CA SER B 229 -1.09 -1.62 7.84
C SER B 229 -2.13 -1.96 8.91
N LEU B 230 -3.39 -2.22 8.51
CA LEU B 230 -4.50 -2.58 9.37
C LEU B 230 -4.20 -3.98 9.90
N SER B 231 -4.23 -4.17 11.22
CA SER B 231 -3.89 -5.45 11.85
C SER B 231 -5.04 -6.13 12.59
N GLU B 232 -6.27 -5.64 12.40
CA GLU B 232 -7.48 -6.11 13.05
C GLU B 232 -8.67 -6.07 12.06
N LYS B 233 -9.76 -6.75 12.39
CA LYS B 233 -10.94 -6.76 11.55
C LYS B 233 -11.77 -5.46 11.70
N ARG B 234 -11.30 -4.34 11.15
CA ARG B 234 -12.01 -3.07 11.23
C ARG B 234 -12.85 -2.74 10.00
N ALA B 235 -14.06 -2.28 10.23
CA ALA B 235 -14.99 -1.87 9.20
C ALA B 235 -15.60 -0.49 9.50
N LEU B 236 -16.02 0.25 8.46
CA LEU B 236 -16.70 1.55 8.66
C LEU B 236 -18.07 1.38 9.35
N THR B 237 -18.63 0.15 9.31
CA THR B 237 -19.90 -0.21 9.90
C THR B 237 -19.77 -0.62 11.40
N ASP B 238 -18.56 -0.63 11.97
CA ASP B 238 -18.39 -1.01 13.38
C ASP B 238 -19.16 -0.05 14.29
N PRO B 239 -19.89 -0.56 15.28
CA PRO B 239 -20.66 0.34 16.15
C PRO B 239 -19.77 1.22 17.02
N ILE B 240 -20.25 2.40 17.36
CA ILE B 240 -19.54 3.28 18.27
C ILE B 240 -19.72 2.74 19.72
N GLN B 241 -18.62 2.66 20.48
CA GLN B 241 -18.47 2.21 21.87
C GLN B 241 -19.43 2.96 22.75
N GLY B 242 -20.32 2.21 23.43
CA GLY B 242 -21.35 2.69 24.35
C GLY B 242 -21.29 4.15 24.80
N THR B 243 -21.84 5.04 23.95
CA THR B 243 -21.92 6.50 24.03
C THR B 243 -21.78 7.10 25.46
N GLU B 244 -20.69 7.88 25.66
CA GLU B 244 -20.35 8.47 26.96
C GLU B 244 -20.39 10.01 26.97
N TYR B 245 -20.21 10.62 28.17
CA TYR B 245 -20.20 12.05 28.41
C TYR B 245 -18.80 12.46 28.96
N SER B 246 -17.72 11.86 28.43
CA SER B 246 -16.37 12.24 28.87
C SER B 246 -15.95 13.57 28.22
N ALA B 247 -14.94 14.27 28.80
CA ALA B 247 -14.53 15.58 28.24
C ALA B 247 -14.00 15.48 26.82
N GLU B 248 -13.17 14.46 26.57
CA GLU B 248 -12.54 14.20 25.28
C GLU B 248 -13.59 13.89 24.18
N SER B 249 -14.66 13.18 24.56
CA SER B 249 -15.75 12.87 23.65
C SER B 249 -16.56 14.14 23.37
N LEU B 250 -16.82 14.93 24.42
CA LEU B 250 -17.59 16.16 24.29
C LEU B 250 -16.87 17.22 23.46
N VAL B 251 -15.53 17.22 23.47
CA VAL B 251 -14.73 18.14 22.66
C VAL B 251 -14.98 17.85 21.17
N ARG B 252 -14.99 16.59 20.75
CA ARG B 252 -15.23 16.24 19.33
C ARG B 252 -16.67 16.55 18.92
N ASN B 253 -17.62 16.28 19.81
CA ASN B 253 -19.02 16.55 19.54
C ASN B 253 -19.27 18.03 19.38
N LEU B 254 -18.63 18.86 20.23
CA LEU B 254 -18.82 20.31 20.23
C LEU B 254 -18.31 20.97 18.95
N GLN B 255 -17.12 20.62 18.52
CA GLN B 255 -16.55 21.20 17.31
C GLN B 255 -17.37 20.86 16.09
N TRP B 256 -17.82 19.62 16.01
CA TRP B 256 -18.67 19.18 14.95
C TRP B 256 -20.07 19.83 15.03
N ALA B 257 -20.63 20.00 16.23
CA ALA B 257 -21.93 20.66 16.42
C ALA B 257 -21.85 22.12 15.97
N LYS B 258 -20.75 22.83 16.32
CA LYS B 258 -20.57 24.21 15.87
C LYS B 258 -20.57 24.30 14.32
N ALA B 259 -19.84 23.40 13.65
CA ALA B 259 -19.75 23.41 12.19
C ALA B 259 -21.04 23.05 11.47
N HIS B 260 -22.05 22.55 12.20
CA HIS B 260 -23.34 22.20 11.62
C HIS B 260 -24.46 23.16 12.02
N GLU B 261 -24.16 24.24 12.77
CA GLU B 261 -25.18 25.19 13.23
C GLU B 261 -25.63 26.16 12.16
N LEU B 262 -26.88 26.06 11.79
CA LEU B 262 -27.48 26.99 10.82
C LEU B 262 -28.20 28.07 11.61
N PRO B 263 -28.31 29.30 11.09
CA PRO B 263 -29.18 30.27 11.75
C PRO B 263 -30.63 29.78 11.67
N GLU B 264 -31.41 30.06 12.72
CA GLU B 264 -32.81 29.69 12.72
C GLU B 264 -33.56 30.62 11.76
N SER B 265 -34.64 30.12 11.20
CA SER B 265 -35.58 30.83 10.35
C SER B 265 -36.03 32.17 11.02
N MET B 266 -36.15 33.25 10.26
CA MET B 266 -36.58 34.54 10.82
C MET B 266 -37.82 35.05 10.13
N CYS B 267 -38.67 35.74 10.89
CA CYS B 267 -39.81 36.42 10.31
C CYS B 267 -39.58 37.94 10.48
N LEU B 268 -39.36 38.64 9.36
CA LEU B 268 -39.09 40.07 9.38
C LEU B 268 -40.37 40.82 9.07
N LYS B 269 -40.76 41.71 9.96
CA LYS B 269 -41.95 42.54 9.83
C LYS B 269 -41.58 43.97 9.42
N PHE B 270 -42.22 44.47 8.38
CA PHE B 270 -41.96 45.81 7.86
C PHE B 270 -43.09 46.76 8.26
N ASP B 271 -42.82 48.09 8.26
CA ASP B 271 -43.82 49.10 8.62
C ASP B 271 -45.11 48.97 7.82
N CYS B 272 -44.99 48.66 6.53
CA CYS B 272 -46.15 48.48 5.66
C CYS B 272 -47.03 47.29 6.00
N GLY B 273 -46.61 46.44 6.93
CA GLY B 273 -47.40 45.27 7.31
C GLY B 273 -46.92 43.97 6.72
N VAL B 274 -46.06 44.04 5.68
CA VAL B 274 -45.50 42.85 5.03
C VAL B 274 -44.60 42.04 5.98
N GLN B 275 -44.74 40.71 5.91
CA GLN B 275 -43.90 39.81 6.68
C GLN B 275 -43.13 38.92 5.74
N ILE B 276 -41.82 38.89 5.89
CA ILE B 276 -40.97 38.08 5.03
C ILE B 276 -40.28 37.01 5.85
N GLN B 277 -40.34 35.75 5.40
CA GLN B 277 -39.62 34.67 6.07
C GLN B 277 -38.24 34.50 5.41
N LEU B 278 -37.23 34.35 6.23
CA LEU B 278 -35.86 34.16 5.78
C LEU B 278 -35.44 32.79 6.31
N GLY B 279 -35.14 31.86 5.39
CA GLY B 279 -34.72 30.51 5.68
C GLY B 279 -33.28 30.20 5.30
N PHE B 280 -32.71 29.14 5.91
CA PHE B 280 -31.31 28.79 5.75
C PHE B 280 -31.16 27.27 5.62
N ALA B 281 -30.39 26.81 4.63
CA ALA B 281 -30.12 25.38 4.47
C ALA B 281 -28.65 25.17 4.21
N ALA B 282 -28.13 24.00 4.58
CA ALA B 282 -26.72 23.71 4.41
C ALA B 282 -26.54 22.77 3.24
N GLU B 283 -25.65 23.09 2.30
CA GLU B 283 -25.33 22.18 1.21
C GLU B 283 -24.01 21.42 1.57
N PHE B 284 -23.03 22.16 2.12
CA PHE B 284 -21.72 21.70 2.59
C PHE B 284 -21.40 22.50 3.86
N SER B 285 -20.40 22.07 4.64
CA SER B 285 -19.98 22.82 5.84
C SER B 285 -19.56 24.26 5.53
N ASN B 286 -19.20 24.57 4.27
CA ASN B 286 -18.85 25.95 3.91
C ASN B 286 -19.76 26.55 2.83
N VAL B 287 -20.92 25.95 2.57
CA VAL B 287 -21.89 26.46 1.61
C VAL B 287 -23.30 26.51 2.26
N MET B 288 -23.88 27.71 2.38
CA MET B 288 -25.24 27.85 2.92
C MET B 288 -26.16 28.46 1.85
N ILE B 289 -27.43 28.03 1.80
CA ILE B 289 -28.40 28.57 0.89
C ILE B 289 -29.37 29.39 1.71
N ILE B 290 -29.55 30.64 1.34
CA ILE B 290 -30.52 31.51 2.00
C ILE B 290 -31.76 31.63 1.08
N TYR B 291 -32.96 31.65 1.65
CA TYR B 291 -34.16 31.79 0.84
C TYR B 291 -35.19 32.71 1.48
N THR B 292 -35.82 33.55 0.66
CA THR B 292 -36.84 34.46 1.15
C THR B 292 -38.19 34.13 0.55
N SER B 293 -39.25 34.43 1.29
CA SER B 293 -40.63 34.26 0.84
C SER B 293 -41.55 35.26 1.58
N ILE B 294 -42.63 35.70 0.95
CA ILE B 294 -43.60 36.57 1.60
C ILE B 294 -44.51 35.68 2.39
N VAL B 295 -44.53 35.84 3.70
CA VAL B 295 -45.34 35.02 4.59
C VAL B 295 -46.67 35.72 4.99
N TYR B 296 -46.76 37.04 4.81
CA TYR B 296 -47.98 37.81 5.01
C TYR B 296 -47.91 39.08 4.19
N LYS B 297 -48.96 39.34 3.42
CA LYS B 297 -49.04 40.54 2.61
C LYS B 297 -50.42 41.17 2.84
N PRO B 298 -50.46 42.44 3.31
CA PRO B 298 -51.76 43.11 3.50
C PRO B 298 -52.54 43.21 2.18
N PRO B 299 -53.88 43.13 2.23
CA PRO B 299 -54.66 43.18 0.98
C PRO B 299 -54.46 44.45 0.15
N GLU B 300 -54.19 45.57 0.81
CA GLU B 300 -53.96 46.86 0.14
C GLU B 300 -52.65 46.89 -0.68
N ILE B 301 -51.73 45.96 -0.43
CA ILE B 301 -50.47 45.90 -1.16
C ILE B 301 -50.55 44.84 -2.28
N ILE B 302 -50.28 45.24 -3.53
CA ILE B 302 -50.32 44.29 -4.65
C ILE B 302 -48.89 43.83 -5.02
N MET B 303 -48.04 44.67 -5.64
CA MET B 303 -46.66 44.29 -5.98
C MET B 303 -45.86 44.19 -4.68
N CYS B 304 -44.99 43.19 -4.56
CA CYS B 304 -44.19 43.02 -3.37
C CYS B 304 -43.00 42.10 -3.62
N ASP B 305 -41.80 42.67 -3.70
CA ASP B 305 -40.56 41.94 -3.94
C ASP B 305 -39.63 42.06 -2.78
N ALA B 306 -39.11 40.94 -2.32
CA ALA B 306 -38.12 40.92 -1.27
C ALA B 306 -36.84 40.36 -1.87
N TYR B 307 -35.71 40.99 -1.57
CA TYR B 307 -34.44 40.52 -2.09
C TYR B 307 -33.29 40.81 -1.13
N VAL B 308 -32.25 40.00 -1.16
CA VAL B 308 -31.10 40.13 -0.25
C VAL B 308 -29.93 40.88 -0.88
N THR B 309 -29.26 41.71 -0.08
CA THR B 309 -28.14 42.53 -0.55
C THR B 309 -27.20 42.91 0.63
N ASP B 310 -26.09 43.66 0.36
CA ASP B 310 -25.09 44.13 1.34
C ASP B 310 -24.44 42.97 2.12
N PHE B 311 -23.99 41.95 1.41
CA PHE B 311 -23.31 40.81 2.04
C PHE B 311 -21.86 41.17 2.36
N PRO B 312 -21.25 40.55 3.40
CA PRO B 312 -19.84 40.85 3.71
C PRO B 312 -18.95 40.64 2.50
N LEU B 313 -18.07 41.60 2.25
CA LEU B 313 -17.19 41.60 1.10
C LEU B 313 -16.35 40.33 0.99
N ASP B 314 -15.93 39.74 2.14
CA ASP B 314 -15.12 38.51 2.17
C ASP B 314 -15.77 37.32 1.46
N LEU B 315 -17.11 37.30 1.38
CA LEU B 315 -17.84 36.23 0.69
C LEU B 315 -17.84 36.38 -0.84
N ASP B 316 -17.59 37.61 -1.35
CA ASP B 316 -17.53 37.91 -2.80
C ASP B 316 -18.76 37.37 -3.54
N ILE B 317 -19.95 37.76 -3.10
CA ILE B 317 -21.18 37.31 -3.71
C ILE B 317 -21.47 38.15 -4.92
N ASP B 318 -21.57 37.54 -6.11
CA ASP B 318 -21.93 38.28 -7.31
C ASP B 318 -23.45 38.46 -7.28
N PRO B 319 -23.97 39.69 -7.23
CA PRO B 319 -25.43 39.89 -7.19
C PRO B 319 -26.19 39.30 -8.36
N LYS B 320 -25.51 39.06 -9.50
CA LYS B 320 -26.14 38.44 -10.67
C LYS B 320 -26.48 36.97 -10.39
N ASP B 321 -25.83 36.33 -9.41
CA ASP B 321 -26.09 34.94 -9.02
C ASP B 321 -27.10 34.86 -7.83
N ALA B 322 -27.45 35.99 -7.19
CA ALA B 322 -28.32 35.99 -6.02
C ALA B 322 -29.78 36.22 -6.37
N ASN B 323 -30.73 35.94 -5.43
CA ASN B 323 -32.16 36.21 -5.61
C ASN B 323 -32.75 35.54 -6.84
N LYS B 324 -32.49 34.27 -7.00
CA LYS B 324 -32.97 33.48 -8.12
C LYS B 324 -34.29 32.78 -7.85
N GLY B 325 -35.06 32.55 -8.90
CA GLY B 325 -36.34 31.85 -8.80
C GLY B 325 -36.20 30.35 -8.59
N THR B 326 -35.01 29.78 -8.90
CA THR B 326 -34.73 28.36 -8.68
C THR B 326 -33.36 28.22 -7.97
N PRO B 327 -33.18 27.20 -7.13
CA PRO B 327 -31.85 26.99 -6.51
C PRO B 327 -30.74 26.75 -7.55
N GLU B 328 -31.05 26.02 -8.65
CA GLU B 328 -30.11 25.69 -9.73
C GLU B 328 -29.49 26.90 -10.41
N GLU B 329 -30.21 28.02 -10.47
CA GLU B 329 -29.68 29.26 -11.04
C GLU B 329 -28.57 29.90 -10.17
N THR B 330 -28.50 29.53 -8.88
CA THR B 330 -27.44 29.98 -7.99
C THR B 330 -26.21 29.03 -8.02
N GLY B 331 -26.33 27.88 -8.67
CA GLY B 331 -25.30 26.85 -8.71
C GLY B 331 -25.50 25.80 -7.64
N SER B 332 -26.72 25.69 -7.09
CA SER B 332 -27.06 24.76 -6.05
C SER B 332 -27.91 23.66 -6.64
N TYR B 333 -27.36 22.46 -6.79
CA TYR B 333 -28.10 21.35 -7.42
C TYR B 333 -28.38 20.18 -6.49
N LEU B 334 -27.79 20.17 -5.30
CA LEU B 334 -27.88 19.03 -4.41
C LEU B 334 -28.90 19.18 -3.32
N VAL B 335 -28.94 20.33 -2.61
CA VAL B 335 -29.99 20.52 -1.59
C VAL B 335 -31.27 21.10 -2.17
N SER B 336 -31.32 21.39 -3.49
CA SER B 336 -32.48 21.92 -4.21
C SER B 336 -33.76 21.19 -3.88
N LYS B 337 -33.74 19.86 -3.87
CA LYS B 337 -34.90 19.01 -3.59
C LYS B 337 -35.47 19.21 -2.20
N ASP B 338 -34.63 19.49 -1.20
CA ASP B 338 -35.10 19.67 0.18
C ASP B 338 -35.41 21.13 0.53
N LEU B 339 -35.29 22.04 -0.43
CA LEU B 339 -35.55 23.46 -0.19
C LEU B 339 -37.04 23.76 -0.38
N PRO B 340 -37.63 24.67 0.43
CA PRO B 340 -39.03 25.05 0.20
C PRO B 340 -39.18 25.68 -1.17
N LYS B 341 -40.30 25.40 -1.82
CA LYS B 341 -40.54 25.96 -3.14
C LYS B 341 -41.16 27.36 -3.09
N HIS B 342 -41.10 28.08 -4.20
CA HIS B 342 -41.65 29.41 -4.39
C HIS B 342 -40.93 30.45 -3.56
N CYS B 343 -39.60 30.32 -3.46
CA CYS B 343 -38.76 31.24 -2.72
C CYS B 343 -37.79 31.93 -3.72
N LEU B 344 -37.00 32.88 -3.25
CA LEU B 344 -35.88 33.44 -4.00
C LEU B 344 -34.64 32.89 -3.27
N TYR B 345 -33.68 32.32 -4.02
CA TYR B 345 -32.52 31.64 -3.46
C TYR B 345 -31.22 32.35 -3.75
N THR B 346 -30.31 32.30 -2.79
CA THR B 346 -28.97 32.86 -2.86
C THR B 346 -28.05 31.83 -2.24
N ARG B 347 -26.97 31.47 -2.95
CA ARG B 347 -26.01 30.51 -2.45
C ARG B 347 -24.81 31.23 -1.90
N LEU B 348 -24.53 31.04 -0.62
CA LEU B 348 -23.37 31.64 0.01
C LEU B 348 -22.30 30.58 0.18
N SER B 349 -21.37 30.52 -0.76
CA SER B 349 -20.25 29.62 -0.65
C SER B 349 -19.09 30.37 0.04
N SER B 350 -17.98 29.67 0.31
CA SER B 350 -16.80 30.23 0.97
C SER B 350 -17.05 30.81 2.35
N LEU B 351 -17.93 30.16 3.11
CA LEU B 351 -18.23 30.60 4.49
C LEU B 351 -17.00 30.62 5.37
N GLN B 352 -16.01 29.76 5.08
CA GLN B 352 -14.75 29.71 5.84
C GLN B 352 -13.98 31.04 5.80
N LYS B 353 -14.26 31.92 4.84
CA LYS B 353 -13.63 33.23 4.70
C LYS B 353 -14.31 34.33 5.57
N LEU B 354 -15.49 34.07 6.11
CA LEU B 354 -16.21 35.00 6.99
C LEU B 354 -15.43 35.22 8.29
N LYS B 355 -14.90 36.45 8.48
CA LYS B 355 -14.14 36.75 9.70
C LYS B 355 -14.94 37.53 10.76
N GLU B 356 -16.21 37.84 10.48
CA GLU B 356 -17.08 38.50 11.45
C GLU B 356 -18.53 38.04 11.25
N HIS B 357 -19.49 38.65 11.95
CA HIS B 357 -20.89 38.28 11.84
C HIS B 357 -21.43 38.43 10.41
N LEU B 358 -22.20 37.43 9.96
CA LEU B 358 -22.84 37.46 8.65
C LEU B 358 -23.97 38.44 8.79
N VAL B 359 -23.74 39.67 8.34
CA VAL B 359 -24.71 40.75 8.39
C VAL B 359 -25.10 41.08 6.95
N PHE B 360 -26.40 41.21 6.68
CA PHE B 360 -26.87 41.56 5.34
C PHE B 360 -28.24 42.26 5.41
N THR B 361 -28.72 42.78 4.28
CA THR B 361 -29.96 43.52 4.23
C THR B 361 -31.03 42.80 3.41
N VAL B 362 -32.26 42.81 3.92
CA VAL B 362 -33.40 42.30 3.20
C VAL B 362 -34.19 43.53 2.73
N CYS B 363 -34.26 43.71 1.42
CA CYS B 363 -34.93 44.83 0.79
C CYS B 363 -36.34 44.46 0.39
N LEU B 364 -37.26 45.42 0.47
CA LEU B 364 -38.63 45.22 0.08
C LEU B 364 -39.03 46.37 -0.87
N SER B 365 -39.46 46.03 -2.09
CA SER B 365 -39.97 46.97 -3.11
C SER B 365 -41.42 46.58 -3.26
N TYR B 366 -42.36 47.49 -3.01
CA TYR B 366 -43.77 47.15 -3.05
C TYR B 366 -44.64 48.27 -3.65
N GLN B 367 -45.93 48.00 -3.83
CA GLN B 367 -46.81 48.98 -4.45
C GLN B 367 -48.22 48.82 -3.92
N TYR B 368 -48.85 49.95 -3.53
CA TYR B 368 -50.20 49.97 -3.00
C TYR B 368 -51.23 49.94 -4.13
N SER B 369 -52.38 49.32 -3.89
CA SER B 369 -53.43 49.20 -4.88
C SER B 369 -53.95 50.58 -5.30
N GLY B 370 -53.88 50.86 -6.59
CA GLY B 370 -54.33 52.12 -7.16
C GLY B 370 -53.28 53.18 -7.32
N LEU B 371 -52.02 52.88 -6.95
CA LEU B 371 -50.93 53.85 -7.04
C LEU B 371 -49.79 53.37 -7.92
N GLU B 372 -49.22 54.27 -8.74
CA GLU B 372 -48.10 53.90 -9.61
C GLU B 372 -46.74 53.94 -8.90
N ASP B 373 -46.64 54.61 -7.75
CA ASP B 373 -45.39 54.73 -7.01
C ASP B 373 -44.94 53.41 -6.41
N THR B 374 -43.66 53.10 -6.55
CA THR B 374 -43.09 51.93 -5.91
C THR B 374 -42.45 52.42 -4.62
N VAL B 375 -42.87 51.83 -3.52
CA VAL B 375 -42.39 52.17 -2.18
C VAL B 375 -41.23 51.21 -1.83
N GLU B 376 -40.26 51.70 -1.06
CA GLU B 376 -39.08 50.94 -0.71
C GLU B 376 -38.92 50.84 0.78
N ASP B 377 -38.37 49.72 1.24
CA ASP B 377 -38.04 49.54 2.64
C ASP B 377 -36.90 48.53 2.73
N LYS B 378 -36.22 48.49 3.86
CA LYS B 378 -35.12 47.58 4.06
C LYS B 378 -34.92 47.30 5.55
N GLN B 379 -34.26 46.19 5.84
CA GLN B 379 -34.00 45.78 7.21
C GLN B 379 -32.70 45.01 7.22
N GLU B 380 -31.79 45.43 8.08
CA GLU B 380 -30.51 44.76 8.22
C GLU B 380 -30.68 43.59 9.18
N VAL B 381 -30.02 42.49 8.88
CA VAL B 381 -30.13 41.27 9.64
C VAL B 381 -28.74 40.73 10.09
N ASN B 382 -28.62 40.29 11.33
CA ASN B 382 -27.37 39.69 11.82
C ASN B 382 -27.66 38.21 12.16
N VAL B 383 -27.06 37.25 11.40
CA VAL B 383 -27.34 35.83 11.67
C VAL B 383 -26.13 35.09 12.25
N GLY B 384 -25.21 35.81 12.90
CA GLY B 384 -24.04 35.24 13.54
C GLY B 384 -23.00 34.66 12.59
N LYS B 385 -22.32 33.60 13.00
CA LYS B 385 -21.33 32.94 12.16
C LYS B 385 -21.85 31.54 11.89
N PRO B 386 -22.40 31.29 10.70
CA PRO B 386 -23.03 29.98 10.44
C PRO B 386 -22.06 28.90 9.99
N LEU B 387 -22.41 27.64 10.26
CA LEU B 387 -21.66 26.48 9.81
C LEU B 387 -20.15 26.58 10.18
N ILE B 388 -19.20 26.34 9.24
CA ILE B 388 -17.78 26.34 9.52
C ILE B 388 -17.26 27.69 10.10
N ALA B 389 -17.95 28.82 9.79
CA ALA B 389 -17.53 30.13 10.32
C ALA B 389 -17.73 30.20 11.87
N LYS B 390 -18.52 29.30 12.47
CA LYS B 390 -18.73 29.25 13.92
C LYS B 390 -17.51 28.79 14.72
N LEU B 391 -16.47 28.33 14.03
CA LEU B 391 -15.26 27.87 14.68
C LEU B 391 -14.42 29.09 15.04
C1 QYQ C . 24.18 -13.93 -9.24
C3 QYQ C . 17.56 -16.73 -12.50
C11 QYQ C . 14.60 -16.96 -10.73
C12 QYQ C . 18.10 -17.63 -13.62
C14 QYQ C . 20.57 -15.09 -11.46
C15 QYQ C . 21.63 -14.43 -12.05
C16 QYQ C . 22.76 -14.03 -11.33
C17 QYQ C . 22.89 -14.36 -9.98
C18 QYQ C . 21.83 -15.06 -9.39
C19 QYQ C . 20.67 -15.42 -10.10
C22 QYQ C . 18.08 -16.01 -15.42
C23 QYQ C . 19.00 -18.73 -13.01
C24 QYQ C . 24.22 -14.37 -7.75
C28 QYQ C . 25.52 -15.74 -10.52
C29 QYQ C . 26.40 -13.44 -10.24
N2 QYQ C . 16.36 -15.28 -10.47
C4 QYQ C . 18.25 -15.73 -11.88
C5 QYQ C . 17.53 -14.94 -10.83
N6 QYQ C . 19.48 -15.39 -12.23
C7 QYQ C . 15.77 -16.43 -11.08
N8 QYQ C . 16.35 -17.06 -12.08
N9 QYQ C . 15.55 -18.09 -12.41
C10 QYQ C . 14.53 -18.06 -11.68
CL1 QYQ C . 13.24 -19.18 -11.74
N20 QYQ C . 25.36 -14.34 -10.02
O21 QYQ C . 18.87 -16.88 -14.60
F25 QYQ C . 25.40 -13.97 -7.25
F26 QYQ C . 23.26 -13.80 -6.98
F27 QYQ C . 24.20 -15.72 -7.56
O30 QYQ C . 26.37 -12.28 -9.86
C31 QYQ C . 27.67 -13.81 -11.02
C32 QYQ C . 27.96 -12.97 -12.29
C33 QYQ C . 29.14 -13.54 -13.12
S34 QYQ C . 30.62 -13.66 -12.08
C35 QYQ C . 30.02 -14.77 -10.80
C36 QYQ C . 28.87 -14.04 -10.06
O37 QYQ C . 31.72 -14.31 -12.79
O38 QYQ C . 30.85 -12.38 -11.44
S DMS D . -11.99 13.87 -9.50
O DMS D . -10.59 13.44 -9.55
C1 DMS D . -12.86 12.67 -10.47
C2 DMS D . -12.09 15.22 -10.64
C1 QYQ E . -10.76 25.78 8.06
C3 QYQ E . -13.44 19.69 12.26
C11 QYQ E . -14.07 16.58 10.92
C12 QYQ E . -14.17 20.41 13.42
C14 QYQ E . -11.79 22.45 10.71
C15 QYQ E . -10.98 23.50 11.11
C16 QYQ E . -10.63 24.55 10.25
C17 QYQ E . -11.15 24.58 8.96
C18 QYQ E . -12.00 23.52 8.56
C19 QYQ E . -12.32 22.46 9.42
C22 QYQ E . -12.37 20.22 14.99
C23 QYQ E . -15.27 21.37 12.89
C24 QYQ E . -11.38 25.71 6.63
C28 QYQ E . -12.29 27.32 9.46
C29 QYQ E . -10.05 28.06 8.67
N2 QYQ E . -12.33 18.18 10.24
C4 QYQ E . -12.49 20.24 11.45
C5 QYQ E . -11.87 19.36 10.39
N6 QYQ E . -12.06 21.48 11.63
C7 QYQ E . -13.42 17.73 11.04
N8 QYQ E . -13.88 18.46 12.03
N9 QYQ E . -14.91 17.80 12.58
C10 QYQ E . -15.04 16.69 12.01
CL1 QYQ E . -16.21 15.51 12.45
N20 QYQ E . -11.01 27.05 8.77
O21 QYQ E . -13.25 21.11 14.28
F25 QYQ E . -10.97 26.77 5.89
F26 QYQ E . -10.98 24.61 5.95
F27 QYQ E . -12.74 25.76 6.63
O30 QYQ E . -9.00 27.89 8.07
C31 QYQ E . -10.14 29.46 9.28
C32 QYQ E . -8.86 29.84 10.08
C33 QYQ E . -9.05 31.17 10.86
S34 QYQ E . -9.43 32.55 9.75
C35 QYQ E . -10.68 31.88 8.63
C36 QYQ E . -10.32 30.47 8.11
O37 QYQ E . -10.04 33.61 10.53
O38 QYQ E . -8.24 32.87 8.98
#